data_6MYU
#
_entry.id   6MYU
#
_cell.length_a   70.029
_cell.length_b   83.958
_cell.length_c   290.540
_cell.angle_alpha   90.00
_cell.angle_beta   90.00
_cell.angle_gamma   90.00
#
_symmetry.space_group_name_H-M   'P 21 21 21'
#
loop_
_entity.id
_entity.type
_entity.pdbx_description
1 polymer 'Succinate dehydrogenase [ubiquinone] flavoprotein subunit, mitochondrial'
2 polymer 'Succinate dehydrogenase [ubiquinone] iron-sulfur subunit, mitochondrial'
3 polymer 'Succinate dehydrogenase cytochrome b, large subunit'
4 polymer 'Succinate dehydrogenase [ubiquinone] cytochrome b small subunit, mitochondrial'
5 non-polymer 'FLAVIN-ADENINE DINUCLEOTIDE'
6 non-polymer 'OXALOACETATE ION'
7 non-polymer 'POTASSIUM ION'
8 non-polymer 'UNKNOWN LIGAND'
9 non-polymer DI(HYDROXYETHYL)ETHER
10 non-polymer 'FE2/S2 (INORGANIC) CLUSTER'
11 non-polymer 'IRON/SULFUR CLUSTER'
12 non-polymer 'FE3-S4 CLUSTER'
13 non-polymer 'PROTOPORPHYRIN IX CONTAINING FE'
14 non-polymer UNDECYL-MALTOSIDE
15 non-polymer 1,2-Distearoyl-sn-glycerophosphoethanolamine
16 water water
#
loop_
_entity_poly.entity_id
_entity_poly.type
_entity_poly.pdbx_seq_one_letter_code
_entity_poly.pdbx_strand_id
1 'polypeptide(L)'
;STKVSDSISTQYPVVDHEFDAVVVGAGGAGLRAAFGLSEAGFNTACVTKLFPTRSHTVAAQGGINAALGNMEDDNWRWHF
YDTVKGSDWLGDQDAIHYMTEQAPAAVIELENYGMPFSRTEEGKIYQRAFGGQSLQFGKGGQAHRCCCVADRTGHSLLHT
LYGRSLRYDTSYFVEYFALDLLMENGECRGVIALCIEDGTIHRFRAKNTVIATGGYGRTYFSCTSAHTSTGDGTAMVTRA
GLPCQDLEFVQFHPTGIYGAGCLITEGCRGEGGILINSQGERFMERYAPVAKDLASRDVVSRSMTIEIREGRGCGPEKDH
VYLQLHHLPPQQLATRLPGISETAMIFAGVDVTKEPIPVLPTVHYNMGGIPTNYKGQVITHVNGEDKVVPGLYACGEAAS
ASVHGANRLGANSLLDLVVFGRACALTIAETCKPGEPVPSIKPNAGEESVANLDKLRFADGTIRTSEARLNMQKTMQSHA
AVFRTGSILQEGCEKLSQIYRDLAHLKTFDRGIVWNTDLVETLELQNLMLCALQTIYGAEARKESRGAHAREDYKLRIDE
FDYSKPLQGQQKRPFEEHWRKHTLSYVDVKSGKVTLKYRPVIDRTLNEEDCSSVPPAIRSY
;
A
2 'polypeptide(L)'
;AQTAAAATSRIKKFSIYRWDPDKPGDKPRMQTYEVDLNKCGPMVLDALIKIKNELDSTLTFRRSCREGICGSCAMNIAGG
NTLACTKKIDPDLSKTTKIYPLPHMYVVKDLVPDLSNFYAQYKSIEPYLKKKDESKQGKEQYLQSIEDRQKLDGLYECIL
CACCSTSCPSYWWNGDKYLGPAVLMQAYRWMIDSRDDYTEERLAQLQDPFSLYRCHTIMNCTRTCPKGLNPGKAIAEIKK
MMATYKEKAAAA
;
B
3 'polypeptide(L)'
;MATTAKEEMARFWE(MLZ)NTKSSRPLSPHISIYKWSLPMAMSITHRGTGVALSLGVSLFSLAALLLPEQFPHYVAVVKS
LSLSPALIYSAKFALVFPLSYHTWNGIRHLVWDMGKGFKLSQVEQSGVVVLILTLLSSAAIAAM
;
C
4 'polypeptide(L)'
;GSSKAASLHWTSERAVSALLLGLLPAAYLYPGPAVDYSLAAALTLHGHWGLGQVITDYVHGDTPIKVANTGLYVLSAITF
TGLCYFNYYDVGICKAVAMLWSI
;
D
#
# COMPACT_ATOMS: atom_id res chain seq x y z
N GLN A 11 -5.55 18.40 -31.08
CA GLN A 11 -5.96 17.01 -30.90
C GLN A 11 -5.90 16.63 -29.43
N TYR A 12 -5.08 17.35 -28.67
CA TYR A 12 -5.00 17.16 -27.22
C TYR A 12 -5.38 18.47 -26.54
N PRO A 13 -6.39 18.46 -25.66
CA PRO A 13 -6.75 19.67 -24.93
C PRO A 13 -5.79 19.91 -23.77
N VAL A 14 -5.19 21.10 -23.74
CA VAL A 14 -4.20 21.45 -22.72
C VAL A 14 -4.86 22.28 -21.62
N VAL A 15 -4.66 21.86 -20.37
CA VAL A 15 -5.18 22.58 -19.21
C VAL A 15 -4.02 23.24 -18.48
N ASP A 16 -4.15 24.54 -18.19
CA ASP A 16 -3.08 25.32 -17.59
C ASP A 16 -3.34 25.55 -16.11
N HIS A 17 -2.29 25.41 -15.30
CA HIS A 17 -2.36 25.64 -13.86
C HIS A 17 -1.25 26.58 -13.44
N GLU A 18 -1.50 27.33 -12.36
CA GLU A 18 -0.50 28.20 -11.77
C GLU A 18 -0.45 27.92 -10.28
N PHE A 19 0.73 27.56 -9.78
CA PHE A 19 0.99 27.35 -8.36
C PHE A 19 2.25 28.11 -7.99
N ASP A 20 2.47 28.29 -6.69
CA ASP A 20 3.78 28.73 -6.21
C ASP A 20 4.82 27.65 -6.44
N ALA A 21 4.44 26.39 -6.25
CA ALA A 21 5.39 25.28 -6.23
C ALA A 21 4.71 24.01 -6.73
N VAL A 22 5.46 23.26 -7.54
N VAL A 22 5.42 23.27 -7.57
CA VAL A 22 5.02 21.97 -8.07
CA VAL A 22 4.95 21.96 -8.03
C VAL A 22 6.01 20.91 -7.58
C VAL A 22 5.96 20.91 -7.62
N VAL A 23 5.48 19.88 -6.94
CA VAL A 23 6.29 18.76 -6.47
C VAL A 23 5.91 17.56 -7.32
N VAL A 24 6.89 16.93 -7.95
CA VAL A 24 6.63 15.79 -8.81
C VAL A 24 7.09 14.56 -8.07
N GLY A 25 6.14 13.79 -7.55
CA GLY A 25 6.43 12.60 -6.79
C GLY A 25 5.78 12.63 -5.42
N ALA A 26 5.28 11.48 -4.98
CA ALA A 26 4.58 11.40 -3.71
C ALA A 26 5.03 10.18 -2.90
N GLY A 27 6.27 9.76 -3.09
CA GLY A 27 6.93 8.87 -2.16
C GLY A 27 7.22 9.59 -0.85
N GLY A 28 8.18 9.11 -0.07
CA GLY A 28 8.51 9.80 1.18
C GLY A 28 9.05 11.21 0.96
N ALA A 29 9.91 11.38 -0.05
CA ALA A 29 10.52 12.68 -0.25
C ALA A 29 9.50 13.70 -0.77
N GLY A 30 8.70 13.31 -1.77
CA GLY A 30 7.76 14.26 -2.35
C GLY A 30 6.67 14.68 -1.37
N LEU A 31 6.12 13.72 -0.63
CA LEU A 31 5.14 14.08 0.39
C LEU A 31 5.73 15.06 1.41
N ARG A 32 6.91 14.75 1.95
CA ARG A 32 7.51 15.65 2.93
C ARG A 32 7.78 17.03 2.34
N ALA A 33 8.31 17.07 1.12
CA ALA A 33 8.51 18.34 0.44
C ALA A 33 7.18 19.07 0.24
N ALA A 34 6.15 18.34 -0.24
CA ALA A 34 4.92 18.99 -0.69
C ALA A 34 4.19 19.67 0.46
N PHE A 35 3.96 18.96 1.57
CA PHE A 35 3.19 19.61 2.62
C PHE A 35 4.05 20.49 3.52
N GLY A 36 5.37 20.28 3.54
CA GLY A 36 6.25 21.30 4.11
C GLY A 36 6.08 22.64 3.41
N LEU A 37 5.92 22.62 2.09
CA LEU A 37 5.70 23.84 1.33
C LEU A 37 4.35 24.46 1.67
N SER A 38 3.28 23.66 1.61
CA SER A 38 1.97 24.15 2.03
C SER A 38 2.01 24.65 3.47
N GLU A 39 2.64 23.90 4.37
CA GLU A 39 2.80 24.35 5.76
C GLU A 39 3.53 25.68 5.83
N ALA A 40 4.44 25.94 4.90
CA ALA A 40 5.15 27.22 4.85
C ALA A 40 4.35 28.29 4.12
N GLY A 41 3.11 28.02 3.74
CA GLY A 41 2.26 29.03 3.12
C GLY A 41 2.24 29.05 1.61
N PHE A 42 2.89 28.10 0.95
CA PHE A 42 2.96 28.08 -0.49
C PHE A 42 1.78 27.28 -1.08
N ASN A 43 1.15 27.85 -2.10
CA ASN A 43 0.11 27.14 -2.84
C ASN A 43 0.80 26.10 -3.72
N THR A 44 0.66 24.83 -3.35
CA THR A 44 1.53 23.76 -3.83
C THR A 44 0.72 22.66 -4.50
N ALA A 45 1.14 22.26 -5.70
CA ALA A 45 0.61 21.10 -6.38
C ALA A 45 1.56 19.93 -6.18
N CYS A 46 1.01 18.72 -6.06
CA CYS A 46 1.80 17.50 -6.02
C CYS A 46 1.30 16.59 -7.13
N VAL A 47 2.17 16.30 -8.10
CA VAL A 47 1.82 15.53 -9.31
C VAL A 47 2.44 14.15 -9.17
N THR A 48 1.62 13.10 -9.24
CA THR A 48 2.14 11.76 -9.00
C THR A 48 1.48 10.78 -9.96
N LYS A 49 2.26 9.84 -10.48
CA LYS A 49 1.66 8.87 -11.38
C LYS A 49 0.97 7.73 -10.63
N LEU A 50 1.20 7.62 -9.32
CA LEU A 50 0.56 6.64 -8.47
C LEU A 50 -0.25 7.33 -7.40
N PHE A 51 -1.28 6.66 -6.91
CA PHE A 51 -1.82 7.09 -5.63
C PHE A 51 -0.68 7.06 -4.62
N PRO A 52 -0.55 8.11 -3.78
CA PRO A 52 0.71 8.26 -3.00
C PRO A 52 1.12 7.02 -2.22
N THR A 53 0.21 6.27 -1.58
CA THR A 53 0.70 5.17 -0.76
C THR A 53 1.10 3.95 -1.58
N ARG A 54 0.98 3.98 -2.91
CA ARG A 54 1.52 2.90 -3.71
C ARG A 54 2.99 3.08 -4.08
N SER A 55 3.59 4.23 -3.74
CA SER A 55 4.96 4.54 -4.14
C SER A 55 5.93 3.51 -3.58
N HIS A 56 7.08 3.35 -4.26
CA HIS A 56 8.00 2.31 -3.78
C HIS A 56 8.41 2.48 -2.32
N THR A 57 8.32 3.69 -1.75
CA THR A 57 8.67 3.87 -0.34
C THR A 57 7.86 2.92 0.54
N VAL A 58 6.62 2.62 0.15
CA VAL A 58 5.77 1.74 0.96
C VAL A 58 6.42 0.38 1.19
N ALA A 59 7.32 -0.05 0.31
CA ALA A 59 7.93 -1.36 0.43
C ALA A 59 9.18 -1.36 1.28
N ALA A 60 9.63 -0.20 1.75
CA ALA A 60 10.83 -0.17 2.55
C ALA A 60 10.59 -0.92 3.86
N GLN A 61 11.67 -1.51 4.40
CA GLN A 61 11.58 -2.53 5.45
C GLN A 61 12.40 -2.20 6.71
N GLY A 62 13.74 -2.19 6.61
CA GLY A 62 14.58 -2.31 7.81
C GLY A 62 14.58 -1.09 8.73
N GLY A 63 14.49 0.11 8.16
CA GLY A 63 14.26 1.27 9.01
C GLY A 63 14.96 2.53 8.51
N ILE A 64 15.17 3.45 9.46
CA ILE A 64 15.69 4.79 9.18
C ILE A 64 16.67 5.19 10.30
N ASN A 65 17.88 5.59 9.91
CA ASN A 65 18.95 5.86 10.87
C ASN A 65 18.78 7.21 11.54
N ALA A 66 19.04 7.25 12.85
CA ALA A 66 19.17 8.52 13.54
C ALA A 66 19.83 8.27 14.89
N ALA A 67 20.72 9.17 15.29
CA ALA A 67 21.55 8.98 16.48
C ALA A 67 20.79 9.39 17.74
N LEU A 68 19.65 8.73 17.98
CA LEU A 68 18.80 9.05 19.13
C LEU A 68 19.36 8.56 20.45
N GLY A 69 20.23 7.55 20.44
CA GLY A 69 20.79 7.04 21.67
C GLY A 69 19.80 6.29 22.54
N ASN A 70 18.79 5.68 21.94
CA ASN A 70 17.81 4.92 22.69
C ASN A 70 18.32 3.56 23.13
N MET A 71 19.34 3.02 22.47
CA MET A 71 19.87 1.71 22.82
C MET A 71 21.24 1.78 23.49
N GLU A 72 22.00 2.82 23.19
CA GLU A 72 23.26 3.11 23.85
C GLU A 72 23.56 4.57 23.56
N ASP A 73 24.48 5.15 24.32
CA ASP A 73 24.90 6.51 23.99
C ASP A 73 25.42 6.55 22.54
N ASP A 74 24.99 7.56 21.79
CA ASP A 74 25.34 7.69 20.39
C ASP A 74 25.82 9.13 20.13
N ASN A 75 26.16 9.42 18.88
CA ASN A 75 26.61 10.74 18.46
C ASN A 75 26.35 10.85 16.97
N TRP A 76 25.65 11.91 16.56
CA TRP A 76 25.33 12.05 15.14
C TRP A 76 26.59 12.13 14.30
N ARG A 77 27.69 12.60 14.91
CA ARG A 77 28.94 12.69 14.18
C ARG A 77 29.52 11.32 13.88
N TRP A 78 29.24 10.33 14.73
CA TRP A 78 29.59 8.95 14.41
C TRP A 78 28.83 8.46 13.18
N HIS A 79 27.55 8.87 13.06
CA HIS A 79 26.72 8.52 11.92
C HIS A 79 27.22 9.21 10.65
N PHE A 80 27.58 10.50 10.77
CA PHE A 80 28.30 11.22 9.72
C PHE A 80 29.51 10.43 9.24
N TYR A 81 30.34 9.99 10.18
CA TYR A 81 31.56 9.28 9.81
C TYR A 81 31.24 8.00 9.07
N ASP A 82 30.29 7.23 9.59
CA ASP A 82 29.87 5.98 8.96
C ASP A 82 29.46 6.23 7.51
N THR A 83 28.67 7.28 7.29
CA THR A 83 28.14 7.56 5.96
C THR A 83 29.25 7.98 5.02
N VAL A 84 30.13 8.89 5.46
CA VAL A 84 31.24 9.32 4.62
C VAL A 84 32.10 8.13 4.24
N LYS A 85 32.44 7.27 5.21
CA LYS A 85 33.22 6.08 4.88
C LYS A 85 32.41 5.13 4.00
N GLY A 86 31.10 5.07 4.24
CA GLY A 86 30.26 4.24 3.40
C GLY A 86 30.24 4.70 1.97
N SER A 87 30.19 6.01 1.74
CA SER A 87 30.21 6.56 0.39
C SER A 87 31.53 6.36 -0.33
N ASP A 88 32.56 5.87 0.37
CA ASP A 88 33.88 5.68 -0.22
C ASP A 88 34.44 7.00 -0.76
N TRP A 89 34.13 8.10 -0.07
CA TRP A 89 34.68 9.43 -0.34
C TRP A 89 34.29 9.96 -1.71
N LEU A 90 33.19 9.46 -2.28
CA LEU A 90 32.48 10.19 -3.31
C LEU A 90 31.29 10.95 -2.74
N GLY A 91 31.06 10.85 -1.43
CA GLY A 91 30.00 11.62 -0.81
C GLY A 91 30.41 13.07 -0.59
N ASP A 92 29.46 13.98 -0.77
CA ASP A 92 29.66 15.38 -0.43
C ASP A 92 29.45 15.53 1.07
N GLN A 93 30.52 15.88 1.81
CA GLN A 93 30.45 15.81 3.27
C GLN A 93 29.62 16.91 3.89
N ASP A 94 29.36 17.99 3.13
CA ASP A 94 28.47 19.02 3.64
C ASP A 94 27.03 18.50 3.69
N ALA A 95 26.60 17.81 2.62
CA ALA A 95 25.27 17.19 2.63
C ALA A 95 25.16 16.09 3.69
N ILE A 96 26.22 15.31 3.86
CA ILE A 96 26.21 14.24 4.87
C ILE A 96 26.15 14.82 6.28
N HIS A 97 26.91 15.89 6.54
CA HIS A 97 26.78 16.63 7.79
C HIS A 97 25.33 17.05 7.99
N TYR A 98 24.73 17.68 6.98
CA TYR A 98 23.35 18.13 7.11
C TYR A 98 22.43 16.94 7.40
N MET A 99 22.54 15.88 6.60
CA MET A 99 21.63 14.74 6.74
C MET A 99 21.75 14.10 8.12
N THR A 100 22.98 13.83 8.57
CA THR A 100 23.14 13.10 9.83
C THR A 100 22.89 13.98 11.05
N GLU A 101 23.12 15.29 10.94
CA GLU A 101 22.80 16.14 12.08
C GLU A 101 21.29 16.35 12.18
N GLN A 102 20.60 16.41 11.05
CA GLN A 102 19.15 16.55 11.08
C GLN A 102 18.41 15.27 11.46
N ALA A 103 19.10 14.12 11.47
CA ALA A 103 18.39 12.85 11.59
C ALA A 103 17.57 12.70 12.89
N PRO A 104 18.12 12.98 14.08
CA PRO A 104 17.27 12.86 15.28
C PRO A 104 16.00 13.68 15.17
N ALA A 105 16.10 14.96 14.80
CA ALA A 105 14.89 15.78 14.71
C ALA A 105 13.91 15.21 13.70
N ALA A 106 14.43 14.69 12.58
CA ALA A 106 13.57 14.20 11.52
C ALA A 106 12.82 12.94 11.93
N VAL A 107 13.52 12.00 12.58
CA VAL A 107 12.84 10.81 13.07
C VAL A 107 11.83 11.17 14.14
N ILE A 108 12.21 12.09 15.04
CA ILE A 108 11.28 12.50 16.09
C ILE A 108 10.05 13.14 15.48
N GLU A 109 10.24 13.96 14.44
CA GLU A 109 9.11 14.52 13.71
C GLU A 109 8.17 13.43 13.20
N LEU A 110 8.72 12.32 12.73
CA LEU A 110 7.89 11.23 12.24
C LEU A 110 7.15 10.54 13.39
N GLU A 111 7.83 10.27 14.50
CA GLU A 111 7.12 9.64 15.62
C GLU A 111 5.98 10.53 16.11
N ASN A 112 6.22 11.85 16.19
CA ASN A 112 5.19 12.81 16.58
C ASN A 112 4.05 12.92 15.57
N TYR A 113 4.29 12.57 14.29
CA TYR A 113 3.19 12.49 13.34
C TYR A 113 2.28 11.29 13.61
N GLY A 114 2.76 10.30 14.34
CA GLY A 114 2.00 9.11 14.63
C GLY A 114 2.64 7.84 14.12
N MET A 115 3.79 7.91 13.46
CA MET A 115 4.48 6.71 12.99
C MET A 115 4.61 5.69 14.14
N PRO A 116 4.07 4.47 13.98
CA PRO A 116 4.00 3.51 15.10
C PRO A 116 5.30 2.73 15.29
N PHE A 117 6.36 3.45 15.68
CA PHE A 117 7.64 2.80 15.90
C PHE A 117 7.52 1.67 16.90
N SER A 118 8.26 0.59 16.66
CA SER A 118 8.50 -0.38 17.71
C SER A 118 9.16 0.33 18.91
N ARG A 119 9.06 -0.30 20.09
CA ARG A 119 9.33 0.41 21.33
C ARG A 119 10.27 -0.37 22.26
N THR A 120 11.00 0.37 23.08
CA THR A 120 11.89 -0.19 24.07
C THR A 120 11.17 -0.28 25.41
N GLU A 121 11.84 -0.90 26.38
CA GLU A 121 11.27 -0.97 27.72
C GLU A 121 11.09 0.41 28.32
N GLU A 122 11.88 1.39 27.89
CA GLU A 122 11.76 2.77 28.36
C GLU A 122 10.69 3.56 27.63
N GLY A 123 10.05 2.99 26.59
CA GLY A 123 9.00 3.68 25.87
C GLY A 123 9.45 4.41 24.62
N LYS A 124 10.73 4.34 24.27
CA LYS A 124 11.31 5.12 23.19
C LYS A 124 11.43 4.26 21.94
N ILE A 125 11.78 4.92 20.83
CA ILE A 125 11.87 4.21 19.57
C ILE A 125 12.93 3.12 19.65
N TYR A 126 12.53 1.88 19.41
CA TYR A 126 13.47 0.76 19.30
C TYR A 126 14.34 0.93 18.06
N GLN A 127 15.64 0.68 18.19
CA GLN A 127 16.59 0.77 17.10
C GLN A 127 17.40 -0.51 16.99
N ARG A 128 17.67 -0.95 15.76
CA ARG A 128 18.42 -2.18 15.52
C ARG A 128 19.77 -1.88 14.88
N ALA A 129 20.66 -2.86 14.91
CA ALA A 129 21.91 -2.79 14.17
C ALA A 129 21.65 -2.88 12.67
N PHE A 130 22.58 -2.34 11.89
CA PHE A 130 22.45 -2.36 10.44
C PHE A 130 23.86 -2.32 9.86
N GLY A 131 23.95 -2.53 8.56
CA GLY A 131 25.25 -2.74 7.93
C GLY A 131 26.10 -1.48 7.89
N GLY A 132 27.35 -1.59 8.33
CA GLY A 132 28.31 -0.51 8.19
C GLY A 132 28.18 0.65 9.16
N GLN A 133 27.65 0.42 10.35
CA GLN A 133 27.42 1.50 11.31
C GLN A 133 28.11 1.18 12.63
N SER A 134 28.80 2.17 13.20
CA SER A 134 29.69 1.94 14.31
C SER A 134 29.64 3.09 15.32
N LEU A 135 30.18 2.83 16.50
CA LEU A 135 30.37 3.84 17.53
C LEU A 135 31.82 4.30 17.52
N GLN A 136 32.05 5.54 17.99
CA GLN A 136 33.39 6.11 18.20
C GLN A 136 34.19 6.24 16.91
N PHE A 137 33.59 6.84 15.88
CA PHE A 137 34.25 7.08 14.60
C PHE A 137 34.94 5.82 14.07
N GLY A 138 34.21 4.70 14.08
CA GLY A 138 34.72 3.46 13.55
C GLY A 138 35.47 2.59 14.54
N LYS A 139 35.69 3.06 15.77
CA LYS A 139 36.53 2.34 16.71
C LYS A 139 35.75 1.63 17.81
N GLY A 140 34.47 1.96 18.01
CA GLY A 140 33.77 1.55 19.21
C GLY A 140 32.78 0.41 19.11
N GLY A 141 32.73 -0.32 18.00
CA GLY A 141 31.83 -1.44 17.89
C GLY A 141 30.52 -1.06 17.23
N GLN A 142 29.67 -2.08 17.10
CA GLN A 142 28.45 -1.99 16.30
C GLN A 142 27.47 -0.97 16.87
N ALA A 143 26.96 -0.09 16.00
CA ALA A 143 25.92 0.85 16.37
C ALA A 143 24.54 0.20 16.28
N HIS A 144 23.58 0.76 17.04
CA HIS A 144 22.17 0.35 17.04
C HIS A 144 21.35 1.62 16.91
N ARG A 145 21.33 2.19 15.71
CA ARG A 145 20.67 3.46 15.48
C ARG A 145 19.64 3.40 14.37
N CYS A 146 19.30 2.20 13.89
CA CYS A 146 18.32 2.07 12.82
C CYS A 146 16.93 2.00 13.43
N CYS A 147 16.19 3.12 13.38
CA CYS A 147 14.85 3.20 13.92
C CYS A 147 13.86 2.45 13.02
N CYS A 148 12.94 1.69 13.62
CA CYS A 148 12.14 0.83 12.75
C CYS A 148 10.76 0.53 13.33
N VAL A 149 9.84 0.24 12.40
CA VAL A 149 8.53 -0.33 12.67
C VAL A 149 8.58 -1.78 12.22
N ALA A 150 8.92 -2.68 13.15
CA ALA A 150 9.22 -4.06 12.79
C ALA A 150 10.11 -4.11 11.54
N ASP A 151 9.66 -4.83 10.51
CA ASP A 151 10.33 -4.78 9.22
C ASP A 151 9.41 -4.20 8.14
N ARG A 152 8.58 -3.24 8.54
CA ARG A 152 7.63 -2.54 7.69
C ARG A 152 7.81 -1.04 7.78
N THR A 153 9.05 -0.57 7.96
CA THR A 153 9.21 0.84 8.33
C THR A 153 8.72 1.76 7.22
N GLY A 154 9.01 1.40 5.96
CA GLY A 154 8.60 2.26 4.86
C GLY A 154 7.10 2.32 4.70
N HIS A 155 6.44 1.17 4.80
CA HIS A 155 4.99 1.12 4.90
C HIS A 155 4.45 2.17 5.88
N SER A 156 4.93 2.15 7.13
CA SER A 156 4.41 3.10 8.12
C SER A 156 4.85 4.52 7.81
N LEU A 157 6.10 4.71 7.38
CA LEU A 157 6.58 6.06 7.08
C LEU A 157 5.68 6.73 6.06
N LEU A 158 5.41 6.03 4.95
CA LEU A 158 4.60 6.60 3.88
C LEU A 158 3.15 6.80 4.31
N HIS A 159 2.56 5.81 5.00
CA HIS A 159 1.20 5.99 5.45
C HIS A 159 1.08 7.12 6.46
N THR A 160 2.08 7.27 7.33
CA THR A 160 2.09 8.41 8.24
C THR A 160 2.24 9.73 7.49
N LEU A 161 3.20 9.80 6.58
CA LEU A 161 3.36 11.04 5.81
C LEU A 161 2.11 11.36 5.02
N TYR A 162 1.51 10.36 4.37
CA TYR A 162 0.30 10.62 3.61
C TYR A 162 -0.82 11.09 4.54
N GLY A 163 -0.98 10.40 5.68
CA GLY A 163 -1.96 10.85 6.65
C GLY A 163 -1.72 12.29 7.08
N ARG A 164 -0.46 12.63 7.35
CA ARG A 164 -0.15 14.00 7.76
C ARG A 164 -0.45 14.99 6.64
N SER A 165 -0.18 14.60 5.38
CA SER A 165 -0.40 15.56 4.30
C SER A 165 -1.86 15.97 4.17
N LEU A 166 -2.79 15.17 4.70
CA LEU A 166 -4.18 15.51 4.50
C LEU A 166 -4.60 16.71 5.34
N ARG A 167 -3.77 17.18 6.29
CA ARG A 167 -4.10 18.35 7.10
C ARG A 167 -3.85 19.67 6.40
N TYR A 168 -3.26 19.68 5.21
CA TYR A 168 -2.83 20.90 4.55
C TYR A 168 -3.54 21.06 3.21
N ASP A 169 -3.47 22.27 2.65
CA ASP A 169 -4.20 22.63 1.43
C ASP A 169 -3.45 22.27 0.15
N THR A 170 -2.51 21.33 0.23
CA THR A 170 -1.82 20.85 -0.96
C THR A 170 -2.83 20.34 -1.99
N SER A 171 -2.61 20.67 -3.26
CA SER A 171 -3.47 20.20 -4.34
C SER A 171 -2.83 18.99 -5.01
N TYR A 172 -3.46 17.83 -4.88
CA TYR A 172 -2.94 16.60 -5.43
C TYR A 172 -3.48 16.34 -6.82
N PHE A 173 -2.60 15.87 -7.70
CA PHE A 173 -2.96 15.49 -9.06
C PHE A 173 -2.49 14.05 -9.19
N VAL A 174 -3.39 13.11 -8.92
CA VAL A 174 -3.06 11.71 -8.71
C VAL A 174 -3.25 10.94 -10.00
N GLU A 175 -2.35 10.01 -10.27
CA GLU A 175 -2.27 9.31 -11.55
C GLU A 175 -2.19 10.32 -12.71
N TYR A 176 -1.31 11.29 -12.53
CA TYR A 176 -0.82 12.17 -13.59
C TYR A 176 0.64 11.81 -13.86
N PHE A 177 0.99 11.67 -15.13
CA PHE A 177 2.32 11.26 -15.54
C PHE A 177 3.07 12.48 -16.04
N ALA A 178 4.14 12.87 -15.35
CA ALA A 178 4.94 14.01 -15.78
C ALA A 178 5.77 13.63 -16.99
N LEU A 179 5.74 14.50 -18.00
CA LEU A 179 6.39 14.23 -19.28
C LEU A 179 7.73 14.96 -19.43
N ASP A 180 7.76 16.25 -19.12
CA ASP A 180 8.98 17.02 -19.24
C ASP A 180 8.91 18.23 -18.32
N LEU A 181 10.09 18.80 -18.06
CA LEU A 181 10.21 20.12 -17.47
C LEU A 181 9.91 21.21 -18.50
N LEU A 182 9.42 22.34 -18.01
CA LEU A 182 9.27 23.55 -18.81
C LEU A 182 10.44 24.47 -18.48
N MET A 183 11.39 24.55 -19.41
CA MET A 183 12.62 25.31 -19.24
C MET A 183 12.55 26.60 -20.05
N GLU A 184 13.09 27.69 -19.48
CA GLU A 184 13.27 28.92 -20.25
C GLU A 184 14.49 29.65 -19.71
N ASN A 185 15.49 29.86 -20.58
CA ASN A 185 16.71 30.59 -20.22
C ASN A 185 17.35 30.01 -18.96
N GLY A 186 17.45 28.68 -18.93
CA GLY A 186 18.10 27.97 -17.85
C GLY A 186 17.32 27.87 -16.56
N GLU A 187 16.09 28.37 -16.50
CA GLU A 187 15.29 28.31 -15.28
C GLU A 187 14.10 27.38 -15.51
N CYS A 188 13.75 26.62 -14.47
CA CYS A 188 12.57 25.76 -14.59
C CYS A 188 11.31 26.56 -14.27
N ARG A 189 10.33 26.47 -15.18
CA ARG A 189 9.06 27.16 -15.06
C ARG A 189 7.90 26.22 -14.73
N GLY A 190 8.14 24.91 -14.66
CA GLY A 190 7.14 23.95 -14.26
C GLY A 190 7.29 22.66 -15.04
N VAL A 191 6.23 21.83 -15.01
CA VAL A 191 6.18 20.53 -15.66
C VAL A 191 4.91 20.45 -16.51
N ILE A 192 4.99 19.60 -17.55
CA ILE A 192 3.85 19.23 -18.37
C ILE A 192 3.59 17.75 -18.12
N ALA A 193 2.31 17.38 -18.08
CA ALA A 193 1.97 16.04 -17.64
C ALA A 193 0.73 15.56 -18.34
N LEU A 194 0.52 14.25 -18.27
CA LEU A 194 -0.64 13.59 -18.85
C LEU A 194 -1.52 13.10 -17.72
N CYS A 195 -2.79 13.49 -17.75
CA CYS A 195 -3.78 12.97 -16.82
C CYS A 195 -4.22 11.60 -17.33
N ILE A 196 -3.86 10.55 -16.59
CA ILE A 196 -4.12 9.21 -17.07
C ILE A 196 -5.62 8.91 -17.05
N GLU A 197 -6.35 9.53 -16.12
CA GLU A 197 -7.76 9.20 -15.95
C GLU A 197 -8.61 9.64 -17.14
N ASP A 198 -8.24 10.74 -17.81
CA ASP A 198 -9.08 11.25 -18.89
C ASP A 198 -8.32 11.63 -20.15
N GLY A 199 -7.02 11.41 -20.20
CA GLY A 199 -6.24 11.69 -21.41
C GLY A 199 -5.95 13.15 -21.70
N THR A 200 -6.01 14.02 -20.71
CA THR A 200 -5.80 15.44 -20.94
C THR A 200 -4.37 15.85 -20.58
N ILE A 201 -3.86 16.83 -21.33
CA ILE A 201 -2.52 17.37 -21.13
C ILE A 201 -2.60 18.54 -20.15
N HIS A 202 -1.70 18.58 -19.17
CA HIS A 202 -1.73 19.62 -18.15
C HIS A 202 -0.34 20.25 -18.00
N ARG A 203 -0.29 21.59 -18.05
CA ARG A 203 0.93 22.35 -17.80
C ARG A 203 0.82 22.99 -16.43
N PHE A 204 1.76 22.70 -15.56
CA PHE A 204 1.81 23.26 -14.20
C PHE A 204 2.88 24.33 -14.16
N ARG A 205 2.48 25.61 -14.25
CA ARG A 205 3.41 26.71 -14.06
C ARG A 205 3.69 26.94 -12.59
N ALA A 206 4.96 27.17 -12.25
CA ALA A 206 5.32 27.36 -10.85
C ALA A 206 6.66 28.06 -10.77
N LYS A 207 6.86 28.80 -9.67
CA LYS A 207 8.15 29.43 -9.46
C LYS A 207 9.22 28.43 -9.06
N ASN A 208 8.83 27.29 -8.50
CA ASN A 208 9.77 26.28 -8.03
C ASN A 208 9.19 24.91 -8.27
N THR A 209 10.02 24.03 -8.81
CA THR A 209 9.63 22.67 -9.16
C THR A 209 10.56 21.73 -8.42
N VAL A 210 9.99 20.73 -7.75
CA VAL A 210 10.74 19.76 -6.96
C VAL A 210 10.55 18.39 -7.58
N ILE A 211 11.64 17.71 -7.87
CA ILE A 211 11.63 16.42 -8.54
C ILE A 211 11.94 15.36 -7.51
N ALA A 212 10.97 14.49 -7.22
CA ALA A 212 11.09 13.43 -6.23
C ALA A 212 10.50 12.14 -6.79
N THR A 213 11.00 11.73 -7.96
CA THR A 213 10.38 10.68 -8.75
C THR A 213 10.96 9.30 -8.51
N GLY A 214 11.83 9.12 -7.50
CA GLY A 214 12.38 7.79 -7.23
C GLY A 214 13.48 7.39 -8.21
N GLY A 215 13.80 6.09 -8.21
CA GLY A 215 14.94 5.54 -8.88
C GLY A 215 14.62 4.91 -10.23
N TYR A 216 15.51 4.03 -10.69
CA TYR A 216 15.27 3.33 -11.95
C TYR A 216 15.83 1.92 -11.92
N GLY A 217 15.60 1.19 -10.82
CA GLY A 217 16.02 -0.20 -10.78
C GLY A 217 15.53 -1.05 -11.94
N ARG A 218 14.40 -0.66 -12.55
CA ARG A 218 13.82 -1.45 -13.64
C ARG A 218 14.56 -1.30 -14.96
N THR A 219 15.70 -0.61 -14.99
CA THR A 219 16.60 -0.78 -16.14
C THR A 219 17.20 -2.17 -16.18
N TYR A 220 17.09 -2.94 -15.10
CA TYR A 220 17.67 -4.27 -15.05
C TYR A 220 16.60 -5.35 -15.10
N PHE A 221 17.06 -6.58 -15.26
CA PHE A 221 16.16 -7.71 -15.38
C PHE A 221 15.66 -8.19 -14.02
N SER A 222 16.48 -8.07 -13.00
CA SER A 222 16.13 -8.48 -11.65
C SER A 222 16.37 -7.28 -10.74
N CYS A 223 15.34 -6.88 -9.98
CA CYS A 223 15.49 -5.77 -9.06
C CYS A 223 14.47 -5.91 -7.94
N THR A 224 14.78 -5.29 -6.80
CA THR A 224 13.78 -5.22 -5.75
C THR A 224 12.74 -4.15 -6.03
N SER A 225 12.99 -3.29 -7.02
CA SER A 225 12.18 -2.11 -7.27
C SER A 225 10.78 -2.47 -7.77
N ALA A 226 9.83 -1.58 -7.47
CA ALA A 226 8.50 -1.66 -8.04
C ALA A 226 8.58 -1.57 -9.56
N HIS A 227 7.53 -2.08 -10.23
CA HIS A 227 7.45 -1.91 -11.68
C HIS A 227 7.44 -0.44 -12.06
N THR A 228 7.09 0.44 -11.13
CA THR A 228 6.95 1.86 -11.40
C THR A 228 8.22 2.66 -11.15
N SER A 229 9.36 2.02 -10.84
CA SER A 229 10.63 2.73 -10.66
C SER A 229 11.32 2.83 -12.01
N THR A 230 10.92 3.83 -12.80
CA THR A 230 11.38 3.91 -14.19
C THR A 230 12.20 5.16 -14.49
N GLY A 231 12.72 5.83 -13.46
CA GLY A 231 13.58 7.00 -13.61
C GLY A 231 12.97 8.14 -14.40
N ASP A 232 11.69 8.43 -14.16
CA ASP A 232 10.99 9.39 -15.00
C ASP A 232 11.53 10.81 -14.81
N GLY A 233 11.75 11.23 -13.56
CA GLY A 233 12.23 12.57 -13.34
C GLY A 233 13.66 12.75 -13.77
N THR A 234 14.42 11.65 -13.74
CA THR A 234 15.80 11.67 -14.19
C THR A 234 15.86 11.88 -15.69
N ALA A 235 15.00 11.16 -16.40
CA ALA A 235 14.86 11.33 -17.84
C ALA A 235 14.47 12.76 -18.19
N MET A 236 13.53 13.34 -17.43
CA MET A 236 13.12 14.72 -17.69
C MET A 236 14.30 15.69 -17.54
N VAL A 237 15.11 15.51 -16.50
CA VAL A 237 16.32 16.34 -16.37
C VAL A 237 17.21 16.14 -17.59
N THR A 238 17.43 14.87 -17.97
CA THR A 238 18.26 14.59 -19.13
C THR A 238 17.70 15.27 -20.39
N ARG A 239 16.39 15.15 -20.62
CA ARG A 239 15.80 15.78 -21.80
C ARG A 239 15.86 17.30 -21.73
N ALA A 240 16.04 17.86 -20.54
CA ALA A 240 16.19 19.31 -20.37
C ALA A 240 17.59 19.80 -20.70
N GLY A 241 18.47 18.92 -21.20
CA GLY A 241 19.85 19.30 -21.46
C GLY A 241 20.68 19.45 -20.20
N LEU A 242 20.19 18.95 -19.07
CA LEU A 242 20.88 19.06 -17.80
C LEU A 242 21.64 17.79 -17.48
N PRO A 243 22.64 17.85 -16.60
CA PRO A 243 23.41 16.66 -16.28
C PRO A 243 22.73 15.85 -15.19
N CYS A 244 22.95 14.54 -15.27
CA CYS A 244 22.74 13.66 -14.13
C CYS A 244 24.11 13.29 -13.58
N GLN A 245 24.12 12.76 -12.36
CA GLN A 245 25.39 12.57 -11.68
C GLN A 245 25.51 11.14 -11.15
N ASP A 246 26.68 10.54 -11.35
CA ASP A 246 27.05 9.28 -10.70
C ASP A 246 26.05 8.15 -11.01
N LEU A 247 25.52 8.13 -12.24
CA LEU A 247 24.51 7.12 -12.57
C LEU A 247 25.08 5.72 -12.69
N GLU A 248 26.40 5.57 -12.83
CA GLU A 248 27.02 4.24 -12.86
C GLU A 248 27.01 3.54 -11.51
N PHE A 249 26.74 4.25 -10.40
CA PHE A 249 26.79 3.64 -9.08
C PHE A 249 25.42 3.06 -8.71
N VAL A 250 25.23 1.80 -9.06
CA VAL A 250 23.98 1.08 -8.76
C VAL A 250 24.22 0.15 -7.58
N GLN A 251 23.31 0.16 -6.61
CA GLN A 251 23.48 -0.64 -5.39
C GLN A 251 22.80 -1.98 -5.52
N PHE A 252 23.57 -3.05 -5.41
CA PHE A 252 23.03 -4.38 -5.28
C PHE A 252 22.84 -4.66 -3.80
N HIS A 253 21.58 -4.76 -3.39
CA HIS A 253 21.31 -5.22 -2.04
C HIS A 253 21.73 -6.68 -1.91
N PRO A 254 22.39 -7.05 -0.81
CA PRO A 254 22.86 -8.45 -0.68
C PRO A 254 21.77 -9.49 -0.82
N THR A 255 20.55 -9.25 -0.31
CA THR A 255 19.58 -10.34 -0.11
C THR A 255 18.21 -9.99 -0.71
N GLY A 256 18.12 -10.09 -2.04
CA GLY A 256 16.84 -10.25 -2.69
C GLY A 256 16.50 -11.74 -2.76
N ILE A 257 15.23 -12.06 -2.53
CA ILE A 257 14.82 -13.47 -2.52
C ILE A 257 15.03 -14.05 -3.92
N TYR A 258 15.48 -15.31 -3.96
CA TYR A 258 15.76 -15.94 -5.25
C TYR A 258 14.46 -16.18 -6.00
N GLY A 259 14.48 -15.91 -7.31
CA GLY A 259 13.28 -16.03 -8.10
C GLY A 259 12.52 -14.72 -8.29
N ALA A 260 11.67 -14.37 -7.33
CA ALA A 260 10.84 -13.18 -7.45
C ALA A 260 11.66 -11.88 -7.33
N GLY A 261 12.76 -11.90 -6.60
CA GLY A 261 13.57 -10.71 -6.41
C GLY A 261 13.14 -9.80 -5.28
N CYS A 262 12.09 -10.15 -4.54
CA CYS A 262 11.63 -9.31 -3.44
C CYS A 262 12.73 -9.12 -2.40
N LEU A 263 12.70 -7.98 -1.74
CA LEU A 263 13.73 -7.65 -0.76
C LEU A 263 13.51 -8.42 0.53
N ILE A 264 14.60 -8.93 1.10
CA ILE A 264 14.60 -9.49 2.45
C ILE A 264 15.51 -8.59 3.29
N THR A 265 14.93 -7.86 4.24
CA THR A 265 15.61 -6.77 4.92
C THR A 265 16.97 -7.17 5.49
N GLU A 266 17.94 -6.26 5.33
CA GLU A 266 19.20 -6.30 6.07
C GLU A 266 18.97 -6.35 7.59
N GLY A 267 17.77 -6.00 8.04
CA GLY A 267 17.44 -6.17 9.46
C GLY A 267 17.51 -7.62 9.92
N CYS A 268 17.32 -8.57 9.00
CA CYS A 268 17.51 -9.98 9.34
C CYS A 268 18.93 -10.23 9.84
N ARG A 269 19.92 -9.65 9.17
CA ARG A 269 21.30 -9.78 9.61
C ARG A 269 21.59 -8.90 10.81
N GLY A 270 20.89 -7.76 10.94
CA GLY A 270 21.03 -6.91 12.10
C GLY A 270 20.46 -7.49 13.38
N GLU A 271 19.51 -8.41 13.27
CA GLU A 271 18.96 -9.11 14.42
C GLU A 271 19.67 -10.44 14.71
N GLY A 272 20.59 -10.87 13.86
CA GLY A 272 21.34 -12.10 14.13
C GLY A 272 21.47 -13.07 12.98
N GLY A 273 20.68 -12.88 11.92
CA GLY A 273 20.78 -13.78 10.77
C GLY A 273 22.15 -13.75 10.14
N ILE A 274 22.51 -14.85 9.48
CA ILE A 274 23.84 -15.01 8.89
C ILE A 274 23.72 -15.59 7.49
N LEU A 275 24.71 -15.28 6.64
CA LEU A 275 24.80 -15.83 5.31
C LEU A 275 25.69 -17.07 5.32
N ILE A 276 25.20 -18.18 4.77
CA ILE A 276 25.98 -19.39 4.68
C ILE A 276 25.97 -19.89 3.24
N ASN A 277 27.03 -20.63 2.87
CA ASN A 277 27.15 -21.17 1.53
C ASN A 277 26.85 -22.68 1.54
N SER A 278 27.18 -23.35 0.43
CA SER A 278 26.79 -24.75 0.26
C SER A 278 27.50 -25.69 1.22
N GLN A 279 28.57 -25.23 1.86
CA GLN A 279 29.30 -26.05 2.82
C GLN A 279 29.07 -25.60 4.26
N GLY A 280 28.03 -24.79 4.49
CA GLY A 280 27.68 -24.34 5.82
C GLY A 280 28.52 -23.22 6.39
N GLU A 281 29.46 -22.68 5.62
CA GLU A 281 30.37 -21.64 6.13
C GLU A 281 29.68 -20.28 6.18
N ARG A 282 29.79 -19.61 7.32
CA ARG A 282 29.46 -18.18 7.43
C ARG A 282 30.62 -17.40 6.81
N PHE A 283 30.57 -17.28 5.48
CA PHE A 283 31.74 -16.85 4.74
C PHE A 283 32.11 -15.38 4.99
N MET A 284 31.17 -14.56 5.48
CA MET A 284 31.51 -13.17 5.72
C MET A 284 32.55 -13.01 6.83
N GLU A 285 32.70 -14.00 7.72
CA GLU A 285 33.81 -13.97 8.68
C GLU A 285 35.15 -13.99 7.97
N ARG A 286 35.21 -14.53 6.75
CA ARG A 286 36.45 -14.55 5.99
C ARG A 286 36.62 -13.29 5.16
N TYR A 287 35.54 -12.76 4.59
CA TYR A 287 35.63 -11.61 3.70
C TYR A 287 35.72 -10.29 4.46
N ALA A 288 35.08 -10.20 5.62
CA ALA A 288 35.07 -8.98 6.44
C ALA A 288 35.16 -9.42 7.89
N PRO A 289 36.38 -9.72 8.36
CA PRO A 289 36.50 -10.39 9.65
C PRO A 289 35.82 -9.67 10.80
N VAL A 290 35.71 -8.35 10.75
CA VAL A 290 35.12 -7.60 11.85
C VAL A 290 33.60 -7.49 11.68
N ALA A 291 33.16 -6.87 10.57
CA ALA A 291 31.72 -6.61 10.43
C ALA A 291 30.92 -7.85 10.05
N LYS A 292 31.54 -8.82 9.38
CA LYS A 292 30.90 -10.10 9.00
C LYS A 292 29.68 -9.78 8.14
N ASP A 293 28.50 -10.30 8.48
CA ASP A 293 27.31 -10.09 7.65
C ASP A 293 26.79 -8.66 7.72
N LEU A 294 27.36 -7.79 8.55
CA LEU A 294 26.96 -6.40 8.64
C LEU A 294 28.01 -5.46 8.04
N ALA A 295 28.84 -5.96 7.12
CA ALA A 295 29.71 -5.10 6.34
C ALA A 295 28.87 -4.25 5.38
N SER A 296 29.53 -3.33 4.68
CA SER A 296 28.81 -2.54 3.70
C SER A 296 28.23 -3.43 2.61
N ARG A 297 27.15 -2.95 1.98
CA ARG A 297 26.43 -3.74 1.00
C ARG A 297 27.26 -4.03 -0.24
N ASP A 298 28.08 -3.07 -0.69
CA ASP A 298 28.91 -3.36 -1.86
C ASP A 298 29.88 -4.48 -1.56
N VAL A 299 30.36 -4.57 -0.31
CA VAL A 299 31.31 -5.62 0.04
C VAL A 299 30.60 -6.96 0.21
N VAL A 300 29.44 -6.97 0.86
CA VAL A 300 28.67 -8.21 1.03
C VAL A 300 28.22 -8.75 -0.32
N SER A 301 27.61 -7.88 -1.15
CA SER A 301 27.18 -8.31 -2.48
C SER A 301 28.34 -8.87 -3.30
N ARG A 302 29.52 -8.23 -3.22
CA ARG A 302 30.67 -8.76 -3.95
C ARG A 302 31.11 -10.11 -3.40
N SER A 303 31.14 -10.25 -2.07
CA SER A 303 31.52 -11.53 -1.46
C SER A 303 30.56 -12.64 -1.86
N MET A 304 29.25 -12.38 -1.79
CA MET A 304 28.27 -13.37 -2.21
C MET A 304 28.48 -13.78 -3.66
N THR A 305 28.74 -12.80 -4.53
CA THR A 305 28.95 -13.09 -5.94
C THR A 305 30.17 -13.99 -6.15
N ILE A 306 31.23 -13.77 -5.37
CA ILE A 306 32.45 -14.57 -5.54
C ILE A 306 32.20 -16.02 -5.11
N GLU A 307 31.53 -16.23 -3.98
CA GLU A 307 31.19 -17.58 -3.55
C GLU A 307 30.43 -18.35 -4.62
N ILE A 308 29.47 -17.70 -5.28
CA ILE A 308 28.64 -18.39 -6.27
C ILE A 308 29.47 -18.76 -7.49
N ARG A 309 30.19 -17.79 -8.06
CA ARG A 309 30.96 -18.09 -9.27
C ARG A 309 32.18 -18.96 -8.97
N GLU A 310 32.60 -19.07 -7.71
CA GLU A 310 33.66 -19.99 -7.33
C GLU A 310 33.13 -21.35 -6.88
N GLY A 311 31.85 -21.64 -7.14
CA GLY A 311 31.34 -22.98 -6.98
C GLY A 311 30.71 -23.34 -5.65
N ARG A 312 30.59 -22.41 -4.72
CA ARG A 312 29.96 -22.71 -3.44
C ARG A 312 28.53 -22.19 -3.34
N GLY A 313 27.85 -22.00 -4.48
CA GLY A 313 26.49 -21.54 -4.46
C GLY A 313 25.50 -22.64 -4.12
N CYS A 314 24.37 -22.23 -3.54
CA CYS A 314 23.35 -23.14 -3.04
C CYS A 314 22.22 -23.31 -4.06
N GLY A 315 21.34 -24.28 -3.77
CA GLY A 315 20.27 -24.63 -4.67
C GLY A 315 20.73 -25.62 -5.71
N PRO A 316 19.79 -26.22 -6.43
CA PRO A 316 20.17 -27.22 -7.46
C PRO A 316 21.00 -26.64 -8.59
N GLU A 317 20.93 -25.34 -8.85
CA GLU A 317 21.69 -24.68 -9.89
C GLU A 317 22.97 -24.02 -9.38
N LYS A 318 23.18 -24.05 -8.06
CA LYS A 318 24.41 -23.50 -7.47
C LYS A 318 24.54 -22.01 -7.78
N ASP A 319 23.42 -21.29 -7.72
CA ASP A 319 23.36 -19.92 -8.21
C ASP A 319 22.90 -18.91 -7.15
N HIS A 320 22.72 -19.32 -5.90
CA HIS A 320 22.37 -18.40 -4.82
C HIS A 320 23.06 -18.87 -3.54
N VAL A 321 22.80 -18.17 -2.43
CA VAL A 321 23.29 -18.57 -1.11
C VAL A 321 22.13 -18.48 -0.12
N TYR A 322 22.39 -18.88 1.12
CA TYR A 322 21.35 -19.01 2.13
C TYR A 322 21.45 -17.90 3.15
N LEU A 323 20.32 -17.28 3.47
CA LEU A 323 20.19 -16.40 4.62
C LEU A 323 19.50 -17.18 5.72
N GLN A 324 20.23 -17.46 6.80
CA GLN A 324 19.74 -18.33 7.86
C GLN A 324 19.25 -17.49 9.05
N LEU A 325 17.99 -17.71 9.43
CA LEU A 325 17.41 -17.03 10.58
C LEU A 325 16.93 -17.98 11.68
N HIS A 326 16.90 -19.29 11.44
CA HIS A 326 16.17 -20.20 12.31
C HIS A 326 16.87 -20.46 13.64
N HIS A 327 18.17 -20.18 13.74
CA HIS A 327 18.83 -20.22 15.04
C HIS A 327 18.33 -19.14 16.00
N LEU A 328 17.58 -18.14 15.48
CA LEU A 328 17.06 -17.07 16.30
C LEU A 328 15.76 -17.49 16.97
N PRO A 329 15.51 -17.01 18.19
CA PRO A 329 14.25 -17.33 18.88
C PRO A 329 13.05 -16.96 18.02
N PRO A 330 12.06 -17.85 17.91
CA PRO A 330 10.91 -17.54 17.04
C PRO A 330 10.14 -16.30 17.47
N GLN A 331 10.14 -15.96 18.76
CA GLN A 331 9.44 -14.74 19.18
C GLN A 331 10.13 -13.50 18.63
N GLN A 332 11.46 -13.52 18.52
CA GLN A 332 12.18 -12.40 17.93
C GLN A 332 11.86 -12.26 16.45
N LEU A 333 11.83 -13.39 15.73
CA LEU A 333 11.40 -13.37 14.34
C LEU A 333 10.01 -12.77 14.20
N ALA A 334 9.07 -13.16 15.08
CA ALA A 334 7.71 -12.68 14.95
C ALA A 334 7.60 -11.20 15.26
N THR A 335 8.40 -10.71 16.21
CA THR A 335 8.32 -9.31 16.63
C THR A 335 9.16 -8.41 15.76
N ARG A 336 10.35 -8.86 15.37
CA ARG A 336 11.26 -8.01 14.61
C ARG A 336 11.13 -8.17 13.10
N LEU A 337 10.74 -9.36 12.59
CA LEU A 337 10.76 -9.64 11.15
C LEU A 337 9.48 -10.31 10.63
N PRO A 338 8.29 -9.83 11.01
CA PRO A 338 7.06 -10.47 10.49
C PRO A 338 6.91 -10.37 8.98
N GLY A 339 7.25 -9.21 8.39
CA GLY A 339 7.03 -9.01 6.97
C GLY A 339 7.76 -10.02 6.11
N ILE A 340 9.08 -10.16 6.33
CA ILE A 340 9.83 -11.13 5.54
C ILE A 340 9.48 -12.55 5.94
N SER A 341 8.95 -12.77 7.15
CA SER A 341 8.47 -14.08 7.52
C SER A 341 7.31 -14.52 6.61
N GLU A 342 6.37 -13.61 6.37
CA GLU A 342 5.27 -13.93 5.47
C GLU A 342 5.75 -13.96 4.02
N THR A 343 6.60 -13.01 3.63
CA THR A 343 7.07 -12.94 2.25
C THR A 343 7.91 -14.16 1.89
N ALA A 344 8.74 -14.63 2.82
CA ALA A 344 9.54 -15.82 2.54
C ALA A 344 8.66 -17.05 2.31
N MET A 345 7.54 -17.14 3.02
CA MET A 345 6.63 -18.27 2.81
C MET A 345 5.90 -18.14 1.48
N ILE A 346 5.40 -16.93 1.16
CA ILE A 346 4.65 -16.74 -0.07
C ILE A 346 5.52 -16.96 -1.28
N PHE A 347 6.67 -16.28 -1.35
CA PHE A 347 7.48 -16.27 -2.56
C PHE A 347 8.58 -17.31 -2.57
N ALA A 348 8.73 -18.10 -1.51
CA ALA A 348 9.71 -19.18 -1.54
C ALA A 348 9.27 -20.43 -0.80
N GLY A 349 8.06 -20.49 -0.25
CA GLY A 349 7.66 -21.65 0.52
C GLY A 349 8.55 -21.93 1.70
N VAL A 350 9.28 -20.93 2.20
CA VAL A 350 10.24 -21.11 3.27
C VAL A 350 9.58 -20.73 4.59
N ASP A 351 9.67 -21.61 5.57
CA ASP A 351 9.37 -21.29 6.97
C ASP A 351 10.66 -20.83 7.63
N VAL A 352 10.76 -19.54 7.96
CA VAL A 352 12.03 -18.98 8.41
C VAL A 352 12.48 -19.53 9.77
N THR A 353 11.57 -20.11 10.55
CA THR A 353 11.94 -20.72 11.83
C THR A 353 12.55 -22.10 11.67
N LYS A 354 12.51 -22.67 10.47
CA LYS A 354 13.04 -23.99 10.22
C LYS A 354 14.12 -24.01 9.15
N GLU A 355 13.99 -23.21 8.09
CA GLU A 355 14.87 -23.36 6.95
C GLU A 355 15.34 -21.99 6.47
N PRO A 356 16.50 -21.94 5.79
CA PRO A 356 17.04 -20.65 5.33
C PRO A 356 16.30 -20.09 4.13
N ILE A 357 16.50 -18.80 3.89
CA ILE A 357 15.90 -18.10 2.75
C ILE A 357 16.91 -18.09 1.61
N PRO A 358 16.54 -18.52 0.41
CA PRO A 358 17.46 -18.36 -0.74
C PRO A 358 17.49 -16.90 -1.19
N VAL A 359 18.71 -16.37 -1.33
CA VAL A 359 18.94 -14.95 -1.56
C VAL A 359 20.12 -14.77 -2.51
N LEU A 360 20.11 -13.69 -3.29
CA LEU A 360 21.27 -13.32 -4.08
C LEU A 360 21.28 -11.80 -4.25
N PRO A 361 22.44 -11.21 -4.50
CA PRO A 361 22.49 -9.76 -4.71
C PRO A 361 21.55 -9.32 -5.82
N THR A 362 20.75 -8.30 -5.54
CA THR A 362 19.72 -7.84 -6.46
C THR A 362 19.78 -6.32 -6.57
N VAL A 363 19.69 -5.81 -7.80
CA VAL A 363 19.62 -4.37 -8.03
C VAL A 363 18.53 -3.79 -7.14
N HIS A 364 18.86 -2.70 -6.43
CA HIS A 364 18.00 -2.25 -5.35
C HIS A 364 17.80 -0.74 -5.30
N TYR A 365 18.86 0.03 -5.53
CA TYR A 365 18.86 1.44 -5.23
C TYR A 365 19.84 2.16 -6.15
N ASN A 366 19.50 3.37 -6.55
CA ASN A 366 20.37 4.18 -7.41
C ASN A 366 21.06 5.25 -6.55
N MET A 367 22.38 5.12 -6.39
CA MET A 367 23.15 6.17 -5.70
C MET A 367 23.13 7.47 -6.49
N GLY A 368 23.24 7.38 -7.82
CA GLY A 368 23.23 8.55 -8.65
C GLY A 368 21.85 9.14 -8.86
N GLY A 369 21.85 10.28 -9.56
CA GLY A 369 20.60 10.96 -9.82
C GLY A 369 20.85 12.38 -10.29
N ILE A 370 19.89 13.24 -10.00
CA ILE A 370 19.93 14.65 -10.35
C ILE A 370 20.86 15.33 -9.33
N PRO A 371 21.97 15.91 -9.75
CA PRO A 371 22.90 16.52 -8.77
C PRO A 371 22.25 17.72 -8.10
N THR A 372 22.34 17.78 -6.77
CA THR A 372 21.90 18.95 -6.05
C THR A 372 23.02 19.42 -5.12
N ASN A 373 22.81 20.59 -4.52
CA ASN A 373 23.61 20.97 -3.38
C ASN A 373 22.93 20.47 -2.12
N TYR A 374 23.49 20.79 -0.96
CA TYR A 374 22.96 20.25 0.28
C TYR A 374 21.62 20.88 0.64
N LYS A 375 21.21 21.95 -0.05
CA LYS A 375 19.93 22.58 0.16
C LYS A 375 18.82 22.03 -0.74
N GLY A 376 19.11 21.07 -1.62
CA GLY A 376 18.09 20.50 -2.51
C GLY A 376 18.06 21.11 -3.90
N GLN A 377 18.82 22.17 -4.14
CA GLN A 377 18.79 22.88 -5.41
C GLN A 377 19.56 22.09 -6.47
N VAL A 378 18.92 21.81 -7.60
CA VAL A 378 19.59 21.16 -8.70
C VAL A 378 20.71 22.07 -9.19
N ILE A 379 21.87 21.47 -9.47
CA ILE A 379 23.02 22.23 -9.97
C ILE A 379 23.39 21.73 -11.36
N THR A 380 23.95 22.64 -12.15
CA THR A 380 24.71 22.26 -13.31
C THR A 380 26.16 22.66 -13.08
N HIS A 381 27.05 22.32 -14.02
CA HIS A 381 28.48 22.49 -13.78
C HIS A 381 29.14 22.97 -15.08
N VAL A 382 29.62 24.22 -15.06
CA VAL A 382 30.05 24.91 -16.26
C VAL A 382 31.37 25.61 -15.96
N ASN A 383 32.43 25.24 -16.69
CA ASN A 383 33.75 25.84 -16.50
C ASN A 383 34.22 25.72 -15.03
N GLY A 384 34.06 24.52 -14.48
CA GLY A 384 34.57 24.24 -13.14
C GLY A 384 33.82 24.88 -12.00
N GLU A 385 32.57 25.28 -12.22
CA GLU A 385 31.81 25.99 -11.19
C GLU A 385 30.40 25.41 -11.11
N ASP A 386 30.01 24.95 -9.92
CA ASP A 386 28.62 24.56 -9.70
C ASP A 386 27.74 25.80 -9.79
N LYS A 387 26.61 25.67 -10.47
CA LYS A 387 25.67 26.77 -10.65
C LYS A 387 24.26 26.26 -10.40
N VAL A 388 23.58 26.82 -9.41
CA VAL A 388 22.22 26.39 -9.10
C VAL A 388 21.34 26.60 -10.32
N VAL A 389 20.47 25.63 -10.59
CA VAL A 389 19.46 25.76 -11.64
C VAL A 389 18.24 26.43 -11.02
N PRO A 390 17.96 27.71 -11.33
CA PRO A 390 16.89 28.43 -10.63
C PRO A 390 15.52 27.77 -10.81
N GLY A 391 14.76 27.72 -9.71
CA GLY A 391 13.43 27.14 -9.73
C GLY A 391 13.37 25.63 -9.75
N LEU A 392 14.50 24.93 -9.62
CA LEU A 392 14.52 23.48 -9.74
C LEU A 392 15.14 22.83 -8.51
N TYR A 393 14.47 21.84 -7.96
CA TYR A 393 14.94 21.13 -6.77
C TYR A 393 14.82 19.64 -7.03
N ALA A 394 15.53 18.85 -6.23
CA ALA A 394 15.38 17.40 -6.30
C ALA A 394 15.69 16.83 -4.94
N CYS A 395 15.04 15.71 -4.61
CA CYS A 395 15.26 15.08 -3.31
C CYS A 395 14.84 13.62 -3.39
N GLY A 396 15.33 12.84 -2.44
CA GLY A 396 15.05 11.43 -2.44
C GLY A 396 15.91 10.67 -3.43
N GLU A 397 15.46 9.45 -3.74
CA GLU A 397 16.31 8.59 -4.57
C GLU A 397 16.60 9.20 -5.92
N ALA A 398 15.74 10.10 -6.42
CA ALA A 398 16.03 10.72 -7.73
C ALA A 398 17.18 11.71 -7.68
N ALA A 399 17.52 12.24 -6.51
CA ALA A 399 18.56 13.25 -6.32
C ALA A 399 19.93 12.62 -6.12
N SER A 400 20.98 13.40 -6.38
CA SER A 400 22.35 13.05 -5.99
C SER A 400 22.93 14.25 -5.25
N ALA A 401 22.78 14.22 -3.92
CA ALA A 401 23.00 15.38 -3.07
C ALA A 401 24.47 15.77 -2.84
N SER A 402 25.44 14.85 -2.80
CA SER A 402 25.30 13.39 -2.80
C SER A 402 25.65 12.83 -1.43
N VAL A 403 24.65 12.40 -0.67
CA VAL A 403 24.91 11.86 0.66
C VAL A 403 25.35 10.41 0.63
N HIS A 404 25.22 9.72 -0.52
CA HIS A 404 25.57 8.31 -0.63
C HIS A 404 26.80 8.03 -1.48
N GLY A 405 27.25 8.98 -2.30
CA GLY A 405 28.41 8.80 -3.16
C GLY A 405 28.39 7.48 -3.90
N ALA A 406 29.35 6.61 -3.59
CA ALA A 406 29.57 5.36 -4.28
C ALA A 406 28.90 4.15 -3.61
N ASN A 407 28.38 4.27 -2.39
CA ASN A 407 27.68 3.16 -1.75
C ASN A 407 26.86 3.66 -0.57
N ARG A 408 25.55 3.43 -0.61
CA ARG A 408 24.65 3.86 0.47
C ARG A 408 24.64 2.87 1.64
N LEU A 409 24.61 3.40 2.86
CA LEU A 409 24.31 2.59 4.04
C LEU A 409 22.82 2.28 4.13
N GLY A 410 22.50 1.03 4.45
CA GLY A 410 21.12 0.70 4.72
C GLY A 410 20.57 1.61 5.79
N ALA A 411 19.29 1.98 5.65
CA ALA A 411 18.49 2.86 6.51
C ALA A 411 18.85 4.33 6.37
N ASN A 412 19.72 4.71 5.43
CA ASN A 412 20.00 6.11 5.14
C ASN A 412 19.14 6.72 4.04
N SER A 413 18.42 5.91 3.25
CA SER A 413 17.57 6.48 2.20
C SER A 413 16.30 7.10 2.77
N LEU A 414 15.55 6.36 3.59
CA LEU A 414 14.36 6.94 4.18
C LEU A 414 14.71 8.22 4.93
N LEU A 415 15.90 8.27 5.51
CA LEU A 415 16.39 9.47 6.19
C LEU A 415 16.55 10.61 5.20
N ASP A 416 17.31 10.33 4.13
CA ASP A 416 17.45 11.25 3.00
C ASP A 416 16.10 11.78 2.56
N LEU A 417 15.12 10.88 2.37
CA LEU A 417 13.80 11.28 1.90
C LEU A 417 13.25 12.45 2.71
N VAL A 418 13.14 12.27 4.03
CA VAL A 418 12.45 13.27 4.82
C VAL A 418 13.36 14.44 5.15
N VAL A 419 14.67 14.23 5.28
CA VAL A 419 15.56 15.36 5.54
C VAL A 419 15.62 16.27 4.32
N PHE A 420 15.81 15.72 3.14
CA PHE A 420 15.99 16.58 1.98
C PHE A 420 14.68 17.01 1.33
N GLY A 421 13.63 16.21 1.44
CA GLY A 421 12.30 16.74 1.14
C GLY A 421 11.99 17.98 1.94
N ARG A 422 12.21 17.93 3.26
CA ARG A 422 12.00 19.12 4.09
C ARG A 422 12.97 20.23 3.69
N ALA A 423 14.23 19.89 3.44
CA ALA A 423 15.21 20.90 3.03
C ALA A 423 14.72 21.67 1.82
N CYS A 424 14.17 20.98 0.82
CA CYS A 424 13.66 21.69 -0.35
C CYS A 424 12.62 22.73 0.06
N ALA A 425 11.68 22.32 0.93
CA ALA A 425 10.67 23.26 1.41
C ALA A 425 11.32 24.43 2.13
N LEU A 426 12.24 24.15 3.06
CA LEU A 426 12.91 25.21 3.83
C LEU A 426 13.65 26.18 2.91
N THR A 427 14.36 25.66 1.92
CA THR A 427 15.15 26.52 1.02
C THR A 427 14.25 27.43 0.18
N ILE A 428 13.17 26.89 -0.38
CA ILE A 428 12.22 27.73 -1.11
C ILE A 428 11.66 28.80 -0.18
N ALA A 429 11.35 28.42 1.07
CA ALA A 429 10.70 29.36 1.99
C ALA A 429 11.65 30.48 2.41
N GLU A 430 12.95 30.21 2.51
CA GLU A 430 13.91 31.25 2.85
C GLU A 430 14.37 32.06 1.64
N THR A 431 13.91 31.71 0.44
CA THR A 431 14.33 32.32 -0.82
C THR A 431 13.20 32.99 -1.58
N CYS A 432 11.97 32.51 -1.41
CA CYS A 432 10.82 33.03 -2.11
C CYS A 432 9.73 33.36 -1.11
N LYS A 433 8.75 34.13 -1.57
CA LYS A 433 7.54 34.33 -0.80
C LYS A 433 6.36 33.75 -1.58
N PRO A 434 5.33 33.27 -0.89
CA PRO A 434 4.13 32.84 -1.60
C PRO A 434 3.49 34.00 -2.38
N GLY A 435 2.83 33.67 -3.48
CA GLY A 435 2.13 34.64 -4.28
C GLY A 435 2.99 35.45 -5.23
N GLU A 436 4.31 35.33 -5.16
CA GLU A 436 5.15 36.02 -6.13
C GLU A 436 4.74 35.62 -7.54
N PRO A 437 4.86 36.54 -8.50
CA PRO A 437 4.30 36.27 -9.84
C PRO A 437 4.82 34.98 -10.44
N VAL A 438 3.90 34.05 -10.69
CA VAL A 438 4.27 32.81 -11.37
C VAL A 438 4.77 33.16 -12.77
N PRO A 439 5.92 32.63 -13.19
CA PRO A 439 6.52 33.11 -14.44
C PRO A 439 5.75 32.62 -15.66
N SER A 440 5.77 33.45 -16.70
CA SER A 440 5.14 33.10 -17.96
C SER A 440 5.93 32.02 -18.69
N ILE A 441 5.22 31.28 -19.53
CA ILE A 441 5.80 30.31 -20.44
C ILE A 441 5.25 30.61 -21.83
N LYS A 442 6.08 30.40 -22.85
CA LYS A 442 5.63 30.66 -24.22
C LYS A 442 4.35 29.89 -24.51
N PRO A 443 3.45 30.41 -25.35
CA PRO A 443 2.13 29.78 -25.50
C PRO A 443 2.16 28.35 -26.03
N ASN A 444 3.28 27.90 -26.63
CA ASN A 444 3.43 26.54 -27.12
C ASN A 444 4.45 25.73 -26.31
N ALA A 445 4.76 26.17 -25.09
CA ALA A 445 5.70 25.44 -24.24
C ALA A 445 5.22 24.01 -24.06
N GLY A 446 6.11 23.05 -24.31
CA GLY A 446 5.81 21.65 -24.07
C GLY A 446 5.21 20.92 -25.25
N GLU A 447 5.03 21.60 -26.39
CA GLU A 447 4.45 20.94 -27.55
C GLU A 447 5.21 19.68 -27.93
N GLU A 448 6.53 19.69 -27.77
CA GLU A 448 7.32 18.54 -28.21
C GLU A 448 7.05 17.32 -27.34
N SER A 449 6.68 17.53 -26.07
CA SER A 449 6.27 16.40 -25.25
C SER A 449 5.03 15.74 -25.81
N VAL A 450 4.05 16.55 -26.23
CA VAL A 450 2.80 16.00 -26.76
C VAL A 450 3.08 15.31 -28.09
N ALA A 451 3.90 15.92 -28.95
CA ALA A 451 4.28 15.30 -30.21
C ALA A 451 4.89 13.92 -29.99
N ASN A 452 5.74 13.78 -28.97
CA ASN A 452 6.34 12.48 -28.70
C ASN A 452 5.29 11.49 -28.22
N LEU A 453 4.47 11.91 -27.25
CA LEU A 453 3.42 11.03 -26.73
C LEU A 453 2.52 10.54 -27.86
N ASP A 454 2.08 11.45 -28.73
CA ASP A 454 1.21 11.04 -29.83
C ASP A 454 1.89 10.00 -30.73
N LYS A 455 3.19 10.21 -31.01
CA LYS A 455 3.94 9.27 -31.86
C LYS A 455 3.95 7.87 -31.27
N LEU A 456 4.19 7.75 -29.95
CA LEU A 456 4.15 6.44 -29.31
C LEU A 456 2.74 5.87 -29.36
N ARG A 457 1.73 6.70 -29.08
CA ARG A 457 0.35 6.24 -29.01
C ARG A 457 -0.09 5.55 -30.28
N PHE A 458 0.48 5.97 -31.42
CA PHE A 458 0.15 5.39 -32.71
C PHE A 458 1.32 4.64 -33.32
N ALA A 459 2.34 4.30 -32.52
CA ALA A 459 3.51 3.61 -33.08
C ALA A 459 3.11 2.25 -33.64
N ASP A 460 3.59 1.96 -34.84
CA ASP A 460 3.19 0.74 -35.54
C ASP A 460 4.40 0.08 -36.21
N GLY A 461 5.56 0.14 -35.54
CA GLY A 461 6.77 -0.49 -36.01
C GLY A 461 6.82 -1.99 -35.86
N THR A 462 8.01 -2.54 -35.61
CA THR A 462 8.21 -3.98 -35.60
C THR A 462 8.71 -4.51 -34.26
N ILE A 463 9.00 -3.64 -33.30
CA ILE A 463 9.50 -4.02 -31.99
C ILE A 463 8.51 -3.49 -30.95
N ARG A 464 7.69 -4.37 -30.39
CA ARG A 464 6.78 -3.92 -29.34
C ARG A 464 7.55 -3.54 -28.09
N THR A 465 6.85 -2.83 -27.20
CA THR A 465 7.52 -2.20 -26.05
C THR A 465 8.10 -3.24 -25.10
N SER A 466 7.29 -4.24 -24.73
CA SER A 466 7.78 -5.32 -23.86
C SER A 466 9.06 -5.94 -24.38
N GLU A 467 9.18 -6.04 -25.71
CA GLU A 467 10.32 -6.71 -26.33
C GLU A 467 11.58 -5.87 -26.27
N ALA A 468 11.44 -4.55 -26.42
CA ALA A 468 12.59 -3.67 -26.26
C ALA A 468 12.97 -3.54 -24.79
N ARG A 469 11.98 -3.43 -23.91
CA ARG A 469 12.27 -3.31 -22.49
C ARG A 469 13.05 -4.54 -21.98
N LEU A 470 12.64 -5.74 -22.40
CA LEU A 470 13.37 -6.94 -21.99
C LEU A 470 14.80 -6.92 -22.50
N ASN A 471 15.00 -6.45 -23.73
CA ASN A 471 16.35 -6.42 -24.30
C ASN A 471 17.25 -5.45 -23.52
N MET A 472 16.70 -4.31 -23.12
CA MET A 472 17.44 -3.39 -22.26
C MET A 472 17.80 -4.05 -20.94
N GLN A 473 16.82 -4.73 -20.31
CA GLN A 473 17.01 -5.25 -18.97
C GLN A 473 18.04 -6.39 -18.96
N LYS A 474 17.98 -7.28 -19.96
CA LYS A 474 18.95 -8.37 -20.06
C LYS A 474 20.35 -7.84 -20.35
N THR A 475 20.43 -6.79 -21.17
CA THR A 475 21.71 -6.17 -21.48
C THR A 475 22.35 -5.58 -20.23
N MET A 476 21.59 -4.76 -19.50
CA MET A 476 22.11 -4.20 -18.25
C MET A 476 22.51 -5.32 -17.29
N GLN A 477 21.68 -6.37 -17.18
CA GLN A 477 21.96 -7.46 -16.27
C GLN A 477 23.27 -8.16 -16.62
N SER A 478 23.54 -8.37 -17.90
CA SER A 478 24.71 -9.14 -18.30
C SER A 478 25.99 -8.32 -18.42
N HIS A 479 25.89 -6.99 -18.49
CA HIS A 479 27.07 -6.19 -18.80
C HIS A 479 27.44 -5.17 -17.75
N ALA A 480 26.53 -4.84 -16.83
CA ALA A 480 26.75 -3.79 -15.85
C ALA A 480 26.41 -4.31 -14.46
N ALA A 481 26.95 -5.49 -14.13
CA ALA A 481 26.51 -6.23 -12.95
C ALA A 481 27.44 -5.92 -11.77
N VAL A 482 27.49 -6.82 -10.79
CA VAL A 482 28.23 -6.56 -9.55
C VAL A 482 29.71 -6.32 -9.86
N PHE A 483 30.28 -7.19 -10.70
CA PHE A 483 31.62 -7.00 -11.23
C PHE A 483 31.55 -6.64 -12.70
N ARG A 484 32.41 -5.73 -13.12
CA ARG A 484 32.44 -5.26 -14.50
C ARG A 484 33.87 -5.27 -15.02
N THR A 485 33.98 -5.25 -16.35
CA THR A 485 35.25 -5.06 -17.05
C THR A 485 35.03 -4.25 -18.33
N GLY A 486 36.12 -3.73 -18.87
CA GLY A 486 36.02 -2.79 -19.98
C GLY A 486 35.36 -3.38 -21.21
N SER A 487 35.80 -4.57 -21.63
CA SER A 487 35.29 -5.13 -22.87
C SER A 487 33.79 -5.45 -22.76
N ILE A 488 33.36 -5.98 -21.61
CA ILE A 488 31.95 -6.33 -21.45
C ILE A 488 31.10 -5.07 -21.36
N LEU A 489 31.58 -4.06 -20.63
CA LEU A 489 30.90 -2.77 -20.59
C LEU A 489 30.78 -2.16 -21.99
N GLN A 490 31.85 -2.26 -22.79
CA GLN A 490 31.82 -1.74 -24.16
C GLN A 490 30.78 -2.45 -25.00
N GLU A 491 30.68 -3.78 -24.88
CA GLU A 491 29.63 -4.47 -25.61
C GLU A 491 28.25 -4.13 -25.06
N GLY A 492 28.15 -3.90 -23.76
CA GLY A 492 26.90 -3.42 -23.20
C GLY A 492 26.54 -2.05 -23.72
N CYS A 493 27.55 -1.19 -23.88
CA CYS A 493 27.31 0.13 -24.47
C CYS A 493 26.84 0.01 -25.91
N GLU A 494 27.53 -0.80 -26.71
CA GLU A 494 27.16 -0.93 -28.12
C GLU A 494 25.74 -1.48 -28.25
N LYS A 495 25.43 -2.58 -27.55
CA LYS A 495 24.09 -3.15 -27.59
C LYS A 495 23.04 -2.12 -27.18
N LEU A 496 23.28 -1.43 -26.06
CA LEU A 496 22.29 -0.48 -25.55
C LEU A 496 22.05 0.67 -26.51
N SER A 497 23.11 1.19 -27.14
CA SER A 497 22.91 2.23 -28.16
C SER A 497 22.11 1.70 -29.35
N GLN A 498 22.38 0.44 -29.74
CA GLN A 498 21.57 -0.20 -30.77
C GLN A 498 20.10 -0.26 -30.38
N ILE A 499 19.81 -0.72 -29.17
CA ILE A 499 18.43 -0.76 -28.71
C ILE A 499 17.81 0.62 -28.78
N TYR A 500 18.59 1.65 -28.41
CA TYR A 500 18.04 3.01 -28.37
C TYR A 500 17.67 3.48 -29.78
N ARG A 501 18.53 3.20 -30.75
CA ARG A 501 18.17 3.49 -32.13
C ARG A 501 16.94 2.69 -32.56
N ASP A 502 16.81 1.45 -32.08
CA ASP A 502 15.71 0.59 -32.53
C ASP A 502 14.36 1.06 -31.99
N LEU A 503 14.36 1.94 -30.98
CA LEU A 503 13.13 2.59 -30.52
C LEU A 503 12.38 3.26 -31.67
N ALA A 504 13.05 3.54 -32.79
CA ALA A 504 12.35 4.03 -33.98
C ALA A 504 11.39 3.00 -34.55
N HIS A 505 11.62 1.71 -34.29
CA HIS A 505 10.75 0.64 -34.75
C HIS A 505 9.73 0.21 -33.71
N LEU A 506 9.45 1.07 -32.72
CA LEU A 506 8.56 0.70 -31.64
C LEU A 506 7.14 0.42 -32.14
N LYS A 507 6.43 -0.42 -31.39
CA LYS A 507 5.09 -0.88 -31.77
C LYS A 507 4.20 -0.82 -30.54
N THR A 508 3.13 -0.05 -30.62
CA THR A 508 2.07 -0.07 -29.63
C THR A 508 0.80 -0.59 -30.26
N PHE A 509 -0.16 -0.94 -29.41
CA PHE A 509 -1.43 -1.45 -29.91
C PHE A 509 -2.63 -0.67 -29.40
N ASP A 510 -2.58 -0.18 -28.16
CA ASP A 510 -3.70 0.54 -27.59
C ASP A 510 -3.71 1.96 -28.16
N ARG A 511 -4.73 2.28 -28.96
CA ARG A 511 -4.85 3.60 -29.57
C ARG A 511 -5.71 4.54 -28.75
N GLY A 512 -6.19 4.13 -27.58
CA GLY A 512 -6.91 5.02 -26.69
C GLY A 512 -5.98 6.06 -26.06
N ILE A 513 -6.55 6.77 -25.07
CA ILE A 513 -5.80 7.77 -24.32
C ILE A 513 -6.18 7.70 -22.83
N VAL A 514 -7.37 7.18 -22.53
CA VAL A 514 -7.78 6.98 -21.14
C VAL A 514 -7.15 5.68 -20.63
N TRP A 515 -6.35 5.79 -19.57
CA TRP A 515 -5.68 4.63 -18.98
C TRP A 515 -5.07 3.74 -20.05
N ASN A 516 -4.27 4.37 -20.92
CA ASN A 516 -3.49 3.65 -21.93
C ASN A 516 -2.13 3.35 -21.30
N THR A 517 -2.08 2.26 -20.55
CA THR A 517 -0.82 1.83 -19.94
C THR A 517 0.14 1.25 -20.96
N ASP A 518 -0.37 0.76 -22.09
CA ASP A 518 0.50 0.47 -23.22
C ASP A 518 1.32 1.70 -23.60
N LEU A 519 0.65 2.84 -23.79
CA LEU A 519 1.35 4.09 -24.07
C LEU A 519 2.21 4.52 -22.89
N VAL A 520 1.66 4.51 -21.68
CA VAL A 520 2.38 5.01 -20.53
C VAL A 520 3.66 4.22 -20.29
N GLU A 521 3.60 2.91 -20.51
CA GLU A 521 4.78 2.07 -20.31
C GLU A 521 5.81 2.23 -21.41
N THR A 522 5.40 2.67 -22.61
CA THR A 522 6.35 3.05 -23.65
C THR A 522 7.08 4.33 -23.30
N LEU A 523 6.38 5.31 -22.74
CA LEU A 523 7.04 6.50 -22.19
C LEU A 523 8.05 6.11 -21.11
N GLU A 524 7.65 5.20 -20.20
CA GLU A 524 8.58 4.76 -19.15
C GLU A 524 9.82 4.10 -19.75
N LEU A 525 9.65 3.35 -20.86
CA LEU A 525 10.79 2.73 -21.51
C LEU A 525 11.76 3.76 -22.08
N GLN A 526 11.23 4.84 -22.71
CA GLN A 526 12.07 5.95 -23.12
C GLN A 526 12.87 6.49 -21.94
N ASN A 527 12.21 6.61 -20.79
CA ASN A 527 12.86 7.14 -19.62
C ASN A 527 13.96 6.21 -19.14
N LEU A 528 13.61 4.95 -18.85
CA LEU A 528 14.59 3.94 -18.47
C LEU A 528 15.79 3.93 -19.41
N MET A 529 15.54 3.98 -20.72
CA MET A 529 16.65 3.90 -21.66
C MET A 529 17.63 5.06 -21.47
N LEU A 530 17.13 6.27 -21.21
CA LEU A 530 18.05 7.38 -21.00
C LEU A 530 18.87 7.17 -19.73
N CYS A 531 18.26 6.63 -18.68
CA CYS A 531 19.01 6.32 -17.47
C CYS A 531 20.03 5.22 -17.74
N ALA A 532 19.61 4.14 -18.41
CA ALA A 532 20.53 3.04 -18.64
C ALA A 532 21.71 3.46 -19.50
N LEU A 533 21.47 4.29 -20.51
CA LEU A 533 22.56 4.72 -21.39
C LEU A 533 23.61 5.50 -20.62
N GLN A 534 23.18 6.31 -19.65
CA GLN A 534 24.13 7.09 -18.87
C GLN A 534 24.83 6.21 -17.84
N THR A 535 24.08 5.28 -17.25
CA THR A 535 24.65 4.37 -16.26
C THR A 535 25.79 3.56 -16.86
N ILE A 536 25.58 2.95 -18.02
CA ILE A 536 26.59 2.01 -18.49
C ILE A 536 27.76 2.73 -19.16
N TYR A 537 27.51 3.85 -19.87
CA TYR A 537 28.63 4.60 -20.45
C TYR A 537 29.47 5.27 -19.37
N GLY A 538 28.80 5.75 -18.31
CA GLY A 538 29.55 6.17 -17.14
C GLY A 538 30.42 5.06 -16.60
N ALA A 539 29.84 3.85 -16.47
CA ALA A 539 30.58 2.71 -15.95
C ALA A 539 31.82 2.43 -16.80
N GLU A 540 31.64 2.34 -18.11
CA GLU A 540 32.76 2.03 -18.99
C GLU A 540 33.89 3.05 -18.88
N ALA A 541 33.56 4.33 -18.66
CA ALA A 541 34.61 5.33 -18.60
C ALA A 541 35.27 5.43 -17.23
N ARG A 542 34.57 5.05 -16.16
CA ARG A 542 35.16 5.11 -14.82
C ARG A 542 36.14 3.95 -14.67
N LYS A 543 37.41 4.22 -14.93
CA LYS A 543 38.47 3.19 -14.89
C LYS A 543 39.10 3.13 -13.49
N GLU A 544 38.28 2.76 -12.52
CA GLU A 544 38.68 2.58 -11.12
C GLU A 544 37.64 1.69 -10.44
N SER A 545 37.91 1.34 -9.18
CA SER A 545 36.97 0.59 -8.35
C SER A 545 36.66 1.41 -7.12
N ARG A 546 35.37 1.69 -6.88
CA ARG A 546 34.94 2.53 -5.78
C ARG A 546 33.52 2.13 -5.38
N GLY A 547 33.33 1.82 -4.10
CA GLY A 547 31.99 1.46 -3.64
C GLY A 547 31.43 0.32 -4.47
N ALA A 548 30.20 0.50 -4.96
CA ALA A 548 29.50 -0.54 -5.72
C ALA A 548 29.98 -0.70 -7.16
N HIS A 549 30.89 0.15 -7.63
CA HIS A 549 31.40 0.05 -9.00
C HIS A 549 32.75 -0.67 -8.94
N ALA A 550 32.77 -1.96 -9.29
CA ALA A 550 33.97 -2.79 -9.18
C ALA A 550 34.44 -3.18 -10.58
N ARG A 551 35.57 -2.64 -11.00
CA ARG A 551 36.19 -2.96 -12.29
C ARG A 551 37.28 -3.98 -12.05
N GLU A 552 37.11 -5.20 -12.55
CA GLU A 552 38.16 -6.18 -12.38
C GLU A 552 39.38 -5.90 -13.25
N ASP A 553 39.28 -4.97 -14.20
CA ASP A 553 40.44 -4.48 -14.94
C ASP A 553 41.07 -3.23 -14.32
N TYR A 554 40.45 -2.66 -13.28
CA TYR A 554 40.93 -1.48 -12.56
C TYR A 554 40.46 -1.66 -11.11
N LYS A 555 41.22 -2.48 -10.37
CA LYS A 555 40.80 -2.96 -9.06
C LYS A 555 41.04 -1.97 -7.93
N LEU A 556 41.78 -0.90 -8.16
CA LEU A 556 42.15 0.02 -7.08
C LEU A 556 41.29 1.27 -7.09
N ARG A 557 41.08 1.83 -5.91
CA ARG A 557 40.47 3.16 -5.80
C ARG A 557 41.53 4.19 -6.13
N ILE A 558 41.20 5.14 -7.02
CA ILE A 558 42.21 6.07 -7.53
C ILE A 558 41.81 7.49 -7.10
N ASP A 559 42.44 7.98 -6.04
CA ASP A 559 42.19 9.31 -5.49
C ASP A 559 43.28 10.27 -5.92
N GLU A 560 43.18 11.52 -5.42
CA GLU A 560 44.15 12.55 -5.77
C GLU A 560 45.50 12.35 -5.08
N PHE A 561 45.52 11.56 -4.00
CA PHE A 561 46.73 11.03 -3.41
C PHE A 561 46.58 9.52 -3.27
N ASP A 562 47.69 8.84 -3.02
CA ASP A 562 47.63 7.46 -2.52
C ASP A 562 47.49 7.57 -1.01
N TYR A 563 46.26 7.48 -0.52
CA TYR A 563 45.99 7.67 0.90
C TYR A 563 46.37 6.47 1.75
N SER A 564 46.87 5.39 1.12
CA SER A 564 47.41 4.26 1.87
C SER A 564 48.78 4.56 2.46
N LYS A 565 49.55 5.46 1.83
CA LYS A 565 50.87 5.88 2.27
C LYS A 565 50.85 7.30 2.83
N PRO A 566 51.87 7.70 3.60
CA PRO A 566 51.92 9.08 4.09
C PRO A 566 51.92 10.09 2.95
N LEU A 567 51.16 11.17 3.14
CA LEU A 567 51.05 12.18 2.09
C LEU A 567 52.30 13.04 1.97
N GLN A 568 53.15 13.01 3.00
CA GLN A 568 54.42 13.75 3.01
C GLN A 568 55.23 13.46 1.74
N GLY A 569 55.37 14.45 0.89
CA GLY A 569 56.19 14.32 -0.29
C GLY A 569 55.50 13.75 -1.51
N GLN A 570 54.17 13.67 -1.52
CA GLN A 570 53.43 13.14 -2.64
C GLN A 570 53.08 14.24 -3.64
N GLN A 571 53.19 13.92 -4.93
CA GLN A 571 52.67 14.78 -5.98
C GLN A 571 51.17 14.55 -6.12
N LYS A 572 50.38 15.59 -5.84
CA LYS A 572 48.94 15.50 -6.03
C LYS A 572 48.61 15.18 -7.48
N ARG A 573 47.70 14.24 -7.68
CA ARG A 573 47.39 13.95 -9.06
C ARG A 573 46.46 15.03 -9.62
N PRO A 574 46.69 15.46 -10.86
CA PRO A 574 45.77 16.42 -11.48
C PRO A 574 44.35 15.86 -11.54
N PHE A 575 43.39 16.79 -11.61
CA PHE A 575 41.99 16.41 -11.62
C PHE A 575 41.70 15.40 -12.72
N GLU A 576 42.27 15.61 -13.90
CA GLU A 576 42.04 14.72 -15.05
C GLU A 576 42.69 13.36 -14.88
N GLU A 577 43.57 13.17 -13.90
CA GLU A 577 44.31 11.92 -13.80
C GLU A 577 43.96 11.11 -12.56
N HIS A 578 42.83 11.41 -11.92
CA HIS A 578 42.32 10.55 -10.86
C HIS A 578 40.80 10.51 -10.96
N TRP A 579 40.19 9.72 -10.08
CA TRP A 579 38.77 9.43 -10.20
C TRP A 579 37.95 9.80 -8.97
N ARG A 580 38.51 10.52 -8.00
CA ARG A 580 37.70 10.98 -6.88
C ARG A 580 37.00 12.26 -7.31
N LYS A 581 35.96 12.07 -8.12
CA LYS A 581 35.17 13.13 -8.74
C LYS A 581 33.85 12.53 -9.20
N HIS A 582 32.81 13.34 -9.20
CA HIS A 582 31.49 12.89 -9.64
C HIS A 582 31.46 12.79 -11.16
N THR A 583 30.76 11.78 -11.67
CA THR A 583 30.45 11.75 -13.10
C THR A 583 29.28 12.68 -13.39
N LEU A 584 29.38 13.45 -14.45
CA LEU A 584 28.26 14.21 -14.96
C LEU A 584 27.94 13.69 -16.35
N SER A 585 26.68 13.33 -16.58
CA SER A 585 26.29 12.71 -17.83
C SER A 585 25.21 13.52 -18.53
N TYR A 586 25.34 13.61 -19.86
CA TYR A 586 24.40 14.29 -20.73
C TYR A 586 24.02 13.31 -21.84
N VAL A 587 22.83 13.47 -22.42
CA VAL A 587 22.42 12.68 -23.59
C VAL A 587 21.82 13.59 -24.65
N ASP A 588 22.30 13.44 -25.89
CA ASP A 588 21.63 13.96 -27.08
C ASP A 588 20.45 13.04 -27.38
N VAL A 589 19.29 13.36 -26.80
CA VAL A 589 18.12 12.47 -26.87
C VAL A 589 17.82 12.06 -28.30
N LYS A 590 18.09 12.92 -29.28
CA LYS A 590 17.81 12.58 -30.67
C LYS A 590 18.66 11.39 -31.13
N SER A 591 19.97 11.43 -30.87
CA SER A 591 20.85 10.33 -31.25
C SER A 591 21.01 9.27 -30.17
N GLY A 592 20.85 9.63 -28.89
CA GLY A 592 21.25 8.76 -27.80
C GLY A 592 22.70 8.87 -27.40
N LYS A 593 23.47 9.79 -28.00
CA LYS A 593 24.88 9.95 -27.67
C LYS A 593 25.07 10.48 -26.24
N VAL A 594 25.97 9.84 -25.49
CA VAL A 594 26.26 10.22 -24.11
C VAL A 594 27.58 10.97 -24.04
N THR A 595 27.53 12.19 -23.51
CA THR A 595 28.72 12.97 -23.17
C THR A 595 28.94 12.93 -21.65
N LEU A 596 30.20 12.88 -21.22
CA LEU A 596 30.54 12.86 -19.81
C LEU A 596 31.47 14.02 -19.44
N LYS A 597 31.30 14.53 -18.22
CA LYS A 597 32.23 15.47 -17.59
C LYS A 597 32.32 15.13 -16.11
N TYR A 598 33.16 15.85 -15.37
CA TYR A 598 33.40 15.49 -13.98
C TYR A 598 33.44 16.73 -13.11
N ARG A 599 33.04 16.57 -11.83
CA ARG A 599 33.07 17.69 -10.88
C ARG A 599 33.57 17.20 -9.53
N PRO A 600 34.32 18.04 -8.80
CA PRO A 600 34.99 17.56 -7.59
C PRO A 600 33.98 17.14 -6.53
N VAL A 601 34.42 16.23 -5.67
CA VAL A 601 33.69 15.87 -4.47
C VAL A 601 33.85 16.97 -3.44
N ILE A 602 32.76 17.32 -2.77
CA ILE A 602 32.83 18.33 -1.72
C ILE A 602 33.32 17.67 -0.44
N ASP A 603 34.44 18.15 0.11
CA ASP A 603 34.98 17.56 1.35
C ASP A 603 34.72 18.40 2.59
N ARG A 604 34.41 19.70 2.45
CA ARG A 604 34.15 20.52 3.62
C ARG A 604 32.81 20.16 4.28
N THR A 605 32.75 20.28 5.60
CA THR A 605 31.47 20.11 6.28
C THR A 605 30.76 21.45 6.36
N LEU A 606 29.62 21.49 7.03
CA LEU A 606 28.99 22.78 7.28
C LEU A 606 29.70 23.58 8.37
N ASN A 607 30.54 22.94 9.18
CA ASN A 607 31.17 23.63 10.32
C ASN A 607 32.32 22.74 10.78
N GLU A 608 33.55 23.15 10.46
CA GLU A 608 34.69 22.29 10.74
C GLU A 608 34.88 22.06 12.23
N GLU A 609 34.62 23.08 13.05
CA GLU A 609 34.76 22.93 14.51
C GLU A 609 33.72 21.99 15.09
N ASP A 610 32.53 21.92 14.48
CA ASP A 610 31.49 21.04 14.99
C ASP A 610 31.62 19.63 14.48
N CYS A 611 32.20 19.46 13.30
CA CYS A 611 32.23 18.15 12.67
C CYS A 611 33.38 18.16 11.67
N SER A 612 34.44 17.41 11.96
CA SER A 612 35.63 17.43 11.13
C SER A 612 35.33 16.84 9.77
N SER A 613 35.90 17.43 8.72
CA SER A 613 35.98 16.75 7.45
C SER A 613 36.82 15.49 7.63
N VAL A 614 36.39 14.40 7.03
CA VAL A 614 37.06 13.11 7.14
C VAL A 614 37.86 12.88 5.87
N PRO A 615 39.19 12.81 5.93
CA PRO A 615 39.99 12.64 4.71
C PRO A 615 39.87 11.23 4.20
N PRO A 616 40.05 11.00 2.89
CA PRO A 616 39.94 9.65 2.35
C PRO A 616 40.94 8.72 3.00
N ALA A 617 40.57 7.45 3.10
CA ALA A 617 41.38 6.46 3.78
C ALA A 617 41.10 5.09 3.18
N ILE A 618 41.92 4.13 3.56
CA ILE A 618 41.64 2.73 3.28
C ILE A 618 40.27 2.36 3.85
N ARG A 619 39.48 1.64 3.06
CA ARG A 619 38.08 1.36 3.39
C ARG A 619 37.91 -0.15 3.55
N SER A 620 37.81 -0.62 4.80
CA SER A 620 37.70 -2.04 5.10
C SER A 620 36.69 -2.24 6.22
N TYR A 621 35.98 -3.37 6.16
CA TYR A 621 34.99 -3.73 7.17
C TYR A 621 35.31 -5.07 7.85
N THR B 8 3.99 -30.83 -23.47
CA THR B 8 5.20 -30.10 -23.07
C THR B 8 4.84 -28.81 -22.34
N SER B 9 3.59 -28.38 -22.50
CA SER B 9 3.12 -27.11 -21.96
C SER B 9 1.81 -27.32 -21.23
N ARG B 10 1.50 -26.39 -20.33
CA ARG B 10 0.29 -26.43 -19.50
C ARG B 10 -0.51 -25.17 -19.77
N ILE B 11 -1.41 -25.26 -20.75
CA ILE B 11 -2.22 -24.11 -21.16
C ILE B 11 -3.29 -23.87 -20.10
N LYS B 12 -3.16 -22.78 -19.36
CA LYS B 12 -4.20 -22.32 -18.44
C LYS B 12 -5.01 -21.23 -19.12
N LYS B 13 -6.32 -21.24 -18.88
CA LYS B 13 -7.22 -20.26 -19.46
C LYS B 13 -7.66 -19.25 -18.42
N PHE B 14 -7.59 -17.97 -18.78
CA PHE B 14 -8.08 -16.87 -17.98
C PHE B 14 -9.17 -16.16 -18.74
N SER B 15 -10.26 -15.82 -18.07
CA SER B 15 -11.35 -15.08 -18.68
C SER B 15 -11.42 -13.74 -17.96
N ILE B 16 -11.13 -12.66 -18.67
CA ILE B 16 -10.84 -11.37 -18.05
C ILE B 16 -11.85 -10.34 -18.51
N TYR B 17 -12.35 -9.56 -17.56
CA TYR B 17 -13.31 -8.50 -17.83
C TYR B 17 -12.66 -7.36 -18.63
N ARG B 18 -13.35 -6.92 -19.70
CA ARG B 18 -12.85 -5.88 -20.58
C ARG B 18 -13.89 -4.79 -20.78
N TRP B 19 -13.44 -3.53 -20.71
CA TRP B 19 -14.26 -2.40 -21.12
C TRP B 19 -13.36 -1.23 -21.49
N ASP B 20 -13.55 -0.70 -22.71
CA ASP B 20 -12.76 0.42 -23.24
C ASP B 20 -13.60 1.68 -23.20
N PRO B 21 -13.22 2.70 -22.41
CA PRO B 21 -13.98 3.96 -22.46
C PRO B 21 -13.75 4.75 -23.75
N ASP B 22 -12.69 4.49 -24.50
CA ASP B 22 -12.41 5.21 -25.73
C ASP B 22 -13.00 4.52 -26.95
N LYS B 23 -13.89 3.55 -26.76
CA LYS B 23 -14.70 3.01 -27.85
C LYS B 23 -16.15 3.41 -27.60
N PRO B 24 -16.71 4.32 -28.40
CA PRO B 24 -18.08 4.77 -28.17
C PRO B 24 -19.08 3.64 -28.28
N GLY B 25 -19.84 3.41 -27.19
CA GLY B 25 -20.83 2.36 -27.17
C GLY B 25 -20.31 0.99 -26.83
N ASP B 26 -19.06 0.90 -26.37
CA ASP B 26 -18.49 -0.38 -25.98
C ASP B 26 -19.21 -0.94 -24.77
N LYS B 27 -19.52 -2.24 -24.82
CA LYS B 27 -20.20 -2.91 -23.73
C LYS B 27 -19.24 -3.87 -23.03
N PRO B 28 -19.30 -3.95 -21.69
CA PRO B 28 -18.41 -4.86 -20.96
C PRO B 28 -18.52 -6.27 -21.49
N ARG B 29 -17.39 -6.96 -21.54
CA ARG B 29 -17.34 -8.30 -22.10
C ARG B 29 -16.21 -9.05 -21.42
N MET B 30 -16.29 -10.37 -21.46
CA MET B 30 -15.20 -11.21 -21.00
C MET B 30 -14.33 -11.62 -22.19
N GLN B 31 -13.01 -11.62 -22.00
CA GLN B 31 -12.10 -12.07 -23.04
C GLN B 31 -11.21 -13.17 -22.48
N THR B 32 -11.14 -14.28 -23.18
CA THR B 32 -10.35 -15.41 -22.74
C THR B 32 -8.95 -15.36 -23.35
N TYR B 33 -7.93 -15.52 -22.50
CA TYR B 33 -6.55 -15.68 -22.94
C TYR B 33 -6.04 -17.03 -22.48
N GLU B 34 -5.06 -17.54 -23.22
CA GLU B 34 -4.44 -18.82 -22.91
C GLU B 34 -2.98 -18.57 -22.55
N VAL B 35 -2.56 -19.08 -21.39
CA VAL B 35 -1.21 -18.85 -20.87
C VAL B 35 -0.56 -20.19 -20.58
N ASP B 36 0.67 -20.37 -21.06
CA ASP B 36 1.49 -21.54 -20.73
C ASP B 36 2.10 -21.34 -19.35
N LEU B 37 1.62 -22.10 -18.36
CA LEU B 37 2.12 -21.93 -16.99
C LEU B 37 3.59 -22.31 -16.87
N ASN B 38 4.12 -23.08 -17.81
CA ASN B 38 5.54 -23.43 -17.81
C ASN B 38 6.44 -22.24 -18.11
N LYS B 39 5.91 -21.22 -18.77
CA LYS B 39 6.69 -20.05 -19.15
C LYS B 39 6.16 -18.81 -18.45
N CYS B 40 5.72 -18.97 -17.21
CA CYS B 40 5.08 -17.91 -16.46
C CYS B 40 5.40 -18.08 -14.98
N GLY B 41 5.52 -16.95 -14.28
CA GLY B 41 5.65 -16.96 -12.84
C GLY B 41 4.42 -17.56 -12.18
N PRO B 42 4.47 -17.73 -10.86
CA PRO B 42 3.43 -18.50 -10.16
C PRO B 42 2.16 -17.71 -9.82
N MET B 43 2.19 -16.38 -9.91
CA MET B 43 1.10 -15.55 -9.42
C MET B 43 0.24 -15.02 -10.56
N VAL B 44 -0.99 -14.64 -10.22
CA VAL B 44 -1.93 -14.19 -11.23
C VAL B 44 -1.41 -12.92 -11.91
N LEU B 45 -0.85 -11.99 -11.14
CA LEU B 45 -0.25 -10.80 -11.76
C LEU B 45 0.81 -11.19 -12.77
N ASP B 46 1.60 -12.23 -12.47
CA ASP B 46 2.54 -12.74 -13.45
C ASP B 46 1.84 -13.11 -14.75
N ALA B 47 0.65 -13.73 -14.67
CA ALA B 47 -0.08 -14.06 -15.89
C ALA B 47 -0.62 -12.80 -16.56
N LEU B 48 -1.15 -11.87 -15.78
CA LEU B 48 -1.64 -10.61 -16.35
C LEU B 48 -0.54 -9.89 -17.11
N ILE B 49 0.64 -9.76 -16.48
CA ILE B 49 1.77 -9.09 -17.12
C ILE B 49 2.22 -9.84 -18.37
N LYS B 50 2.25 -11.17 -18.31
CA LYS B 50 2.64 -11.96 -19.47
C LYS B 50 1.66 -11.76 -20.63
N ILE B 51 0.36 -11.72 -20.32
CA ILE B 51 -0.65 -11.46 -21.36
C ILE B 51 -0.44 -10.08 -21.97
N LYS B 52 -0.31 -9.05 -21.13
CA LYS B 52 -0.14 -7.68 -21.62
C LYS B 52 1.10 -7.56 -22.49
N ASN B 53 2.20 -8.22 -22.11
CA ASN B 53 3.46 -8.08 -22.83
C ASN B 53 3.50 -8.88 -24.12
N GLU B 54 2.72 -9.94 -24.23
CA GLU B 54 2.88 -10.93 -25.29
C GLU B 54 1.65 -11.13 -26.15
N LEU B 55 0.44 -10.93 -25.62
CA LEU B 55 -0.80 -11.22 -26.35
C LEU B 55 -1.69 -10.01 -26.57
N ASP B 56 -1.82 -9.11 -25.59
CA ASP B 56 -2.79 -8.03 -25.73
C ASP B 56 -2.33 -6.85 -24.86
N SER B 57 -1.51 -5.97 -25.46
CA SER B 57 -1.02 -4.84 -24.68
C SER B 57 -2.10 -3.79 -24.39
N THR B 58 -3.35 -4.00 -24.83
CA THR B 58 -4.44 -3.12 -24.46
C THR B 58 -5.08 -3.51 -23.12
N LEU B 59 -4.75 -4.69 -22.58
CA LEU B 59 -5.27 -5.11 -21.29
C LEU B 59 -4.71 -4.23 -20.19
N THR B 60 -5.59 -3.63 -19.39
CA THR B 60 -5.21 -2.54 -18.49
C THR B 60 -5.53 -2.90 -17.05
N PHE B 61 -4.54 -2.73 -16.18
CA PHE B 61 -4.70 -2.99 -14.76
C PHE B 61 -3.69 -2.14 -13.99
N ARG B 62 -3.93 -2.00 -12.68
CA ARG B 62 -3.03 -1.32 -11.77
C ARG B 62 -2.08 -2.32 -11.13
N ARG B 63 -0.81 -1.92 -10.99
CA ARG B 63 0.20 -2.72 -10.30
C ARG B 63 1.43 -1.87 -10.07
N SER B 64 2.26 -2.30 -9.11
CA SER B 64 3.52 -1.65 -8.81
C SER B 64 4.49 -2.58 -8.07
N CYS B 65 4.21 -2.92 -6.81
CA CYS B 65 5.21 -3.55 -5.97
C CYS B 65 5.47 -5.02 -6.28
N ARG B 66 4.51 -5.71 -6.90
CA ARG B 66 4.43 -7.16 -7.06
C ARG B 66 4.84 -8.03 -5.85
N GLU B 67 4.78 -7.50 -4.61
CA GLU B 67 4.97 -8.36 -3.45
C GLU B 67 3.89 -8.14 -2.38
N GLY B 68 2.76 -7.58 -2.76
CA GLY B 68 1.62 -7.51 -1.85
C GLY B 68 1.73 -6.47 -0.76
N ILE B 69 2.57 -5.46 -0.93
CA ILE B 69 2.70 -4.40 0.06
C ILE B 69 2.09 -3.09 -0.43
N CYS B 70 2.04 -2.82 -1.75
CA CYS B 70 1.52 -1.50 -2.13
C CYS B 70 0.00 -1.47 -2.19
N GLY B 71 -0.66 -2.60 -2.39
CA GLY B 71 -2.09 -2.65 -2.50
C GLY B 71 -2.66 -2.31 -3.86
N SER B 72 -1.82 -2.06 -4.88
CA SER B 72 -2.28 -1.52 -6.16
C SER B 72 -3.16 -2.50 -6.94
N CYS B 73 -2.88 -3.80 -6.86
CA CYS B 73 -3.42 -4.74 -7.84
C CYS B 73 -4.64 -5.51 -7.34
N ALA B 74 -5.37 -4.98 -6.38
CA ALA B 74 -6.56 -5.65 -5.86
C ALA B 74 -7.58 -5.85 -6.96
N MET B 75 -8.09 -7.08 -7.08
CA MET B 75 -9.12 -7.40 -8.05
C MET B 75 -9.87 -8.63 -7.55
N ASN B 76 -10.83 -9.10 -8.35
CA ASN B 76 -11.65 -10.26 -7.99
C ASN B 76 -11.18 -11.43 -8.82
N ILE B 77 -10.49 -12.36 -8.18
CA ILE B 77 -9.93 -13.54 -8.82
C ILE B 77 -10.67 -14.77 -8.30
N ALA B 78 -11.33 -15.49 -9.19
CA ALA B 78 -12.09 -16.68 -8.81
C ALA B 78 -13.09 -16.37 -7.70
N GLY B 79 -13.84 -15.29 -7.90
CA GLY B 79 -14.94 -14.94 -7.03
C GLY B 79 -14.56 -14.26 -5.73
N GLY B 80 -13.28 -14.11 -5.42
CA GLY B 80 -12.86 -13.43 -4.21
C GLY B 80 -11.87 -12.31 -4.46
N ASN B 81 -12.05 -11.21 -3.73
CA ASN B 81 -11.14 -10.06 -3.83
C ASN B 81 -9.77 -10.39 -3.24
N THR B 82 -8.72 -10.14 -4.01
CA THR B 82 -7.39 -10.47 -3.53
C THR B 82 -6.38 -9.61 -4.30
N LEU B 83 -5.11 -9.75 -3.93
CA LEU B 83 -4.01 -9.12 -4.65
C LEU B 83 -3.54 -10.09 -5.71
N ALA B 84 -3.56 -9.65 -6.97
CA ALA B 84 -3.11 -10.51 -8.05
C ALA B 84 -1.68 -10.99 -7.82
N CYS B 85 -0.85 -10.16 -7.17
CA CYS B 85 0.58 -10.44 -7.08
C CYS B 85 0.93 -11.44 -5.98
N THR B 86 -0.01 -11.78 -5.09
CA THR B 86 0.23 -12.82 -4.09
C THR B 86 -0.76 -13.96 -4.20
N LYS B 87 -1.59 -13.96 -5.23
CA LYS B 87 -2.61 -14.99 -5.41
C LYS B 87 -2.07 -16.01 -6.38
N LYS B 88 -1.80 -17.23 -5.88
CA LYS B 88 -1.27 -18.29 -6.73
C LYS B 88 -2.23 -18.58 -7.89
N ILE B 89 -1.65 -18.88 -9.06
CA ILE B 89 -2.43 -19.34 -10.20
C ILE B 89 -2.94 -20.75 -9.91
N ASP B 90 -4.21 -20.99 -10.19
CA ASP B 90 -4.77 -22.32 -10.02
C ASP B 90 -4.28 -23.24 -11.13
N PRO B 91 -3.48 -24.27 -10.83
CA PRO B 91 -2.91 -25.13 -11.88
C PRO B 91 -3.85 -26.22 -12.38
N ASP B 92 -5.10 -26.26 -11.93
CA ASP B 92 -6.08 -27.18 -12.51
C ASP B 92 -6.44 -26.64 -13.89
N LEU B 93 -5.88 -27.25 -14.94
CA LEU B 93 -6.06 -26.73 -16.29
C LEU B 93 -7.48 -26.92 -16.81
N SER B 94 -8.33 -27.65 -16.11
CA SER B 94 -9.72 -27.82 -16.52
C SER B 94 -10.61 -26.69 -16.03
N LYS B 95 -10.07 -25.78 -15.23
CA LYS B 95 -10.82 -24.63 -14.73
C LYS B 95 -10.29 -23.37 -15.40
N THR B 96 -11.20 -22.52 -15.87
CA THR B 96 -10.84 -21.20 -16.35
C THR B 96 -10.98 -20.21 -15.20
N THR B 97 -9.92 -19.45 -14.92
CA THR B 97 -9.98 -18.45 -13.88
C THR B 97 -10.60 -17.18 -14.45
N LYS B 98 -11.71 -16.75 -13.84
CA LYS B 98 -12.33 -15.48 -14.18
C LYS B 98 -11.75 -14.36 -13.33
N ILE B 99 -11.47 -13.24 -13.97
CA ILE B 99 -10.90 -12.07 -13.30
C ILE B 99 -11.82 -10.89 -13.57
N TYR B 100 -12.26 -10.23 -12.51
CA TYR B 100 -13.15 -9.08 -12.55
C TYR B 100 -12.54 -7.92 -11.78
N PRO B 101 -12.97 -6.68 -12.05
CA PRO B 101 -12.58 -5.56 -11.19
C PRO B 101 -13.16 -5.74 -9.81
N LEU B 102 -12.67 -4.96 -8.86
CA LEU B 102 -13.26 -5.00 -7.52
C LEU B 102 -14.77 -4.75 -7.64
N PRO B 103 -15.59 -5.50 -6.91
CA PRO B 103 -17.03 -5.52 -7.21
C PRO B 103 -17.73 -4.22 -6.83
N HIS B 104 -18.81 -3.94 -7.58
CA HIS B 104 -19.70 -2.80 -7.34
C HIS B 104 -18.91 -1.50 -7.29
N MET B 105 -18.02 -1.31 -8.27
CA MET B 105 -17.22 -0.10 -8.41
C MET B 105 -17.41 0.43 -9.82
N TYR B 106 -17.28 1.75 -9.98
CA TYR B 106 -17.27 2.30 -11.32
C TYR B 106 -15.97 1.90 -12.03
N VAL B 107 -16.09 1.42 -13.26
CA VAL B 107 -14.94 0.93 -14.02
C VAL B 107 -14.40 2.09 -14.86
N VAL B 108 -13.16 2.53 -14.56
CA VAL B 108 -12.49 3.49 -15.42
C VAL B 108 -12.12 2.82 -16.74
N LYS B 109 -11.47 1.66 -16.66
CA LYS B 109 -11.12 0.86 -17.84
C LYS B 109 -10.75 -0.54 -17.38
N ASP B 110 -11.16 -1.55 -18.14
CA ASP B 110 -10.84 -2.96 -17.89
C ASP B 110 -10.92 -3.28 -16.40
N LEU B 111 -9.77 -3.55 -15.75
CA LEU B 111 -9.73 -3.96 -14.35
C LEU B 111 -9.42 -2.82 -13.39
N VAL B 112 -9.48 -1.57 -13.86
CA VAL B 112 -9.13 -0.40 -13.06
C VAL B 112 -10.41 0.22 -12.54
N PRO B 113 -10.66 0.19 -11.23
CA PRO B 113 -11.83 0.85 -10.63
C PRO B 113 -11.52 2.25 -10.12
N ASP B 114 -12.60 3.02 -9.95
CA ASP B 114 -12.47 4.37 -9.37
C ASP B 114 -12.52 4.23 -7.86
N LEU B 115 -11.38 4.46 -7.19
CA LEU B 115 -11.26 4.35 -5.74
C LEU B 115 -11.34 5.68 -5.00
N SER B 116 -11.72 6.78 -5.67
CA SER B 116 -11.55 8.05 -4.99
C SER B 116 -12.59 8.31 -3.91
N ASN B 117 -13.77 7.70 -3.99
CA ASN B 117 -14.70 7.74 -2.85
C ASN B 117 -14.09 7.01 -1.65
N PHE B 118 -13.50 5.84 -1.91
CA PHE B 118 -12.82 5.09 -0.87
C PHE B 118 -11.73 5.91 -0.18
N TYR B 119 -10.95 6.66 -0.98
CA TYR B 119 -9.92 7.52 -0.42
C TYR B 119 -10.52 8.69 0.35
N ALA B 120 -11.61 9.27 -0.18
CA ALA B 120 -12.22 10.40 0.52
C ALA B 120 -12.80 9.99 1.87
N GLN B 121 -13.33 8.77 1.95
CA GLN B 121 -13.79 8.26 3.24
C GLN B 121 -12.64 8.08 4.21
N TYR B 122 -11.50 7.59 3.73
CA TYR B 122 -10.32 7.50 4.57
C TYR B 122 -9.89 8.89 5.05
N LYS B 123 -9.83 9.86 4.14
CA LYS B 123 -9.52 11.23 4.57
C LYS B 123 -10.50 11.72 5.62
N SER B 124 -11.76 11.32 5.53
CA SER B 124 -12.78 11.89 6.40
C SER B 124 -12.60 11.49 7.86
N ILE B 125 -11.86 10.42 8.17
CA ILE B 125 -11.70 10.03 9.57
C ILE B 125 -10.46 10.63 10.21
N GLU B 126 -9.73 11.46 9.47
CA GLU B 126 -8.52 12.14 9.94
C GLU B 126 -7.51 11.10 10.40
N PRO B 127 -6.93 10.37 9.46
CA PRO B 127 -6.01 9.25 9.78
C PRO B 127 -4.60 9.72 10.08
N TYR B 128 -4.47 10.42 11.20
CA TYR B 128 -3.20 11.02 11.61
C TYR B 128 -3.28 11.37 13.08
N LEU B 129 -2.12 11.43 13.71
CA LEU B 129 -2.05 11.67 15.15
C LEU B 129 -2.50 13.08 15.51
N LYS B 130 -3.33 13.18 16.56
CA LYS B 130 -3.86 14.44 17.04
C LYS B 130 -3.68 14.53 18.55
N LYS B 131 -3.01 15.57 19.01
CA LYS B 131 -2.86 15.84 20.43
C LYS B 131 -3.55 17.16 20.75
N LYS B 132 -4.01 17.30 22.00
CA LYS B 132 -4.68 18.53 22.36
C LYS B 132 -3.70 19.69 22.43
N ASP B 133 -2.54 19.46 23.06
CA ASP B 133 -1.42 20.39 23.03
C ASP B 133 -0.43 19.90 21.99
N GLU B 134 -0.48 20.48 20.79
CA GLU B 134 0.47 20.16 19.74
C GLU B 134 1.59 21.19 19.62
N SER B 135 1.73 22.08 20.60
CA SER B 135 2.81 23.07 20.60
C SER B 135 4.17 22.44 20.88
N LYS B 136 4.21 21.20 21.36
CA LYS B 136 5.45 20.46 21.55
C LYS B 136 5.81 19.59 20.35
N GLN B 137 5.03 19.69 19.26
CA GLN B 137 5.25 18.96 18.01
C GLN B 137 6.70 19.01 17.53
N GLY B 138 7.44 17.91 17.69
CA GLY B 138 8.78 17.81 17.13
C GLY B 138 9.94 18.04 18.08
N LYS B 139 9.69 18.27 19.37
CA LYS B 139 10.79 18.43 20.31
C LYS B 139 11.32 17.07 20.78
N GLU B 140 10.43 16.20 21.27
CA GLU B 140 10.86 14.91 21.81
C GLU B 140 9.93 13.80 21.37
N GLN B 141 10.48 12.59 21.26
CA GLN B 141 9.64 11.45 20.99
C GLN B 141 8.62 11.27 22.11
N TYR B 142 7.38 10.98 21.70
CA TYR B 142 6.33 10.59 22.62
C TYR B 142 6.62 9.22 23.17
N LEU B 143 6.36 9.04 24.47
CA LEU B 143 6.54 7.73 25.09
C LEU B 143 5.35 6.84 24.79
N GLN B 144 5.62 5.59 24.45
CA GLN B 144 4.58 4.57 24.31
C GLN B 144 5.17 3.23 24.70
N SER B 145 4.52 2.57 25.67
CA SER B 145 5.00 1.29 26.14
C SER B 145 4.86 0.22 25.07
N ILE B 146 5.67 -0.82 25.21
CA ILE B 146 5.60 -2.00 24.36
C ILE B 146 4.20 -2.59 24.36
N GLU B 147 3.49 -2.49 25.49
CA GLU B 147 2.15 -3.03 25.62
C GLU B 147 1.14 -2.20 24.84
N ASP B 148 1.25 -0.86 24.88
CA ASP B 148 0.32 -0.05 24.12
C ASP B 148 0.64 -0.09 22.63
N ARG B 149 1.91 -0.30 22.28
CA ARG B 149 2.27 -0.44 20.88
C ARG B 149 1.75 -1.75 20.31
N GLN B 150 1.67 -2.79 21.14
CA GLN B 150 1.16 -4.08 20.68
C GLN B 150 -0.31 -4.00 20.27
N LYS B 151 -1.06 -3.07 20.87
CA LYS B 151 -2.45 -2.86 20.49
C LYS B 151 -2.62 -2.41 19.06
N LEU B 152 -1.55 -1.94 18.42
CA LEU B 152 -1.63 -1.52 17.03
C LEU B 152 -1.38 -2.66 16.06
N ASP B 153 -0.79 -3.76 16.52
CA ASP B 153 -0.60 -4.92 15.65
C ASP B 153 -1.95 -5.45 15.18
N GLY B 154 -2.00 -5.86 13.91
CA GLY B 154 -3.25 -6.24 13.29
C GLY B 154 -4.05 -5.09 12.75
N LEU B 155 -3.64 -3.85 13.02
CA LEU B 155 -4.34 -2.67 12.54
C LEU B 155 -3.50 -1.82 11.61
N TYR B 156 -2.28 -1.44 12.02
CA TYR B 156 -1.49 -0.52 11.22
C TYR B 156 -0.99 -1.14 9.93
N GLU B 157 -1.07 -2.46 9.79
CA GLU B 157 -0.53 -3.16 8.62
C GLU B 157 -1.37 -3.00 7.38
N CYS B 158 -2.56 -2.42 7.49
CA CYS B 158 -3.45 -2.32 6.35
C CYS B 158 -2.77 -1.57 5.20
N ILE B 159 -2.96 -2.06 3.98
CA ILE B 159 -2.34 -1.44 2.80
C ILE B 159 -3.35 -0.64 1.98
N LEU B 160 -4.59 -0.50 2.47
CA LEU B 160 -5.64 0.27 1.78
C LEU B 160 -5.88 -0.24 0.36
N CYS B 161 -5.90 -1.56 0.22
CA CYS B 161 -6.16 -2.17 -1.09
C CYS B 161 -7.64 -2.16 -1.46
N ALA B 162 -8.53 -1.99 -0.49
CA ALA B 162 -9.99 -1.98 -0.63
C ALA B 162 -10.58 -3.34 -0.97
N CYS B 163 -9.82 -4.42 -0.85
CA CYS B 163 -10.39 -5.75 -1.01
C CYS B 163 -11.56 -5.95 -0.05
N CYS B 164 -11.35 -5.65 1.24
CA CYS B 164 -12.39 -5.90 2.24
C CYS B 164 -13.65 -5.09 1.94
N SER B 165 -13.51 -3.77 1.82
CA SER B 165 -14.68 -2.92 1.67
C SER B 165 -15.48 -3.28 0.43
N THR B 166 -14.80 -3.66 -0.68
CA THR B 166 -15.52 -4.01 -1.90
C THR B 166 -15.98 -5.45 -1.92
N SER B 167 -15.77 -6.20 -0.83
CA SER B 167 -16.39 -7.49 -0.63
C SER B 167 -17.59 -7.43 0.30
N CYS B 168 -17.84 -6.29 0.94
CA CYS B 168 -18.87 -6.21 1.97
C CYS B 168 -20.19 -5.76 1.34
N PRO B 169 -21.26 -6.59 1.42
CA PRO B 169 -22.52 -6.20 0.76
C PRO B 169 -23.12 -4.91 1.29
N SER B 170 -22.93 -4.59 2.57
CA SER B 170 -23.39 -3.30 3.08
C SER B 170 -22.69 -2.14 2.38
N TYR B 171 -21.42 -2.32 2.02
CA TYR B 171 -20.75 -1.28 1.25
C TYR B 171 -21.25 -1.25 -0.18
N TRP B 172 -21.65 -2.41 -0.71
CA TRP B 172 -22.25 -2.44 -2.04
C TRP B 172 -23.50 -1.55 -2.08
N TRP B 173 -24.37 -1.69 -1.10
CA TRP B 173 -25.66 -1.02 -1.17
C TRP B 173 -25.63 0.38 -0.60
N ASN B 174 -24.66 0.70 0.26
CA ASN B 174 -24.64 2.01 0.89
C ASN B 174 -23.22 2.59 0.97
N GLY B 175 -22.37 2.28 0.00
CA GLY B 175 -21.02 2.83 -0.01
C GLY B 175 -20.96 4.34 -0.08
N ASP B 176 -22.08 5.02 -0.31
CA ASP B 176 -22.07 6.47 -0.26
C ASP B 176 -21.94 6.98 1.17
N LYS B 177 -22.43 6.21 2.16
CA LYS B 177 -22.53 6.69 3.53
C LYS B 177 -21.89 5.77 4.57
N TYR B 178 -21.82 4.48 4.27
CA TYR B 178 -21.13 3.54 5.14
C TYR B 178 -19.63 3.61 4.84
N LEU B 179 -18.80 3.80 5.88
CA LEU B 179 -17.37 4.01 5.63
C LEU B 179 -16.70 2.75 5.12
N GLY B 180 -17.27 1.58 5.44
CA GLY B 180 -16.70 0.30 5.05
C GLY B 180 -15.63 -0.17 6.00
N PRO B 181 -15.28 -1.45 5.90
CA PRO B 181 -14.33 -2.04 6.87
C PRO B 181 -12.91 -1.45 6.86
N ALA B 182 -12.32 -1.18 5.68
CA ALA B 182 -10.96 -0.63 5.66
C ALA B 182 -10.88 0.68 6.43
N VAL B 183 -11.77 1.62 6.13
CA VAL B 183 -11.71 2.92 6.79
C VAL B 183 -12.07 2.81 8.27
N LEU B 184 -13.06 1.99 8.62
CA LEU B 184 -13.43 1.87 10.03
C LEU B 184 -12.31 1.26 10.84
N MET B 185 -11.60 0.28 10.29
CA MET B 185 -10.51 -0.30 11.08
C MET B 185 -9.39 0.71 11.26
N GLN B 186 -9.15 1.58 10.27
CA GLN B 186 -8.19 2.66 10.48
C GLN B 186 -8.69 3.67 11.50
N ALA B 187 -9.99 3.97 11.50
CA ALA B 187 -10.54 4.81 12.55
C ALA B 187 -10.24 4.22 13.92
N TYR B 188 -10.38 2.89 14.05
CA TYR B 188 -10.10 2.24 15.34
C TYR B 188 -8.61 2.25 15.64
N ARG B 189 -7.78 2.11 14.60
CA ARG B 189 -6.33 2.21 14.77
C ARG B 189 -5.93 3.53 15.42
N TRP B 190 -6.64 4.62 15.12
CA TRP B 190 -6.32 5.89 15.75
C TRP B 190 -7.03 6.06 17.08
N MET B 191 -8.19 5.41 17.26
CA MET B 191 -8.88 5.49 18.55
C MET B 191 -8.07 4.85 19.67
N ILE B 192 -7.40 3.74 19.39
CA ILE B 192 -6.68 3.05 20.47
C ILE B 192 -5.19 3.35 20.47
N ASP B 193 -4.70 4.23 19.59
CA ASP B 193 -3.32 4.69 19.71
C ASP B 193 -3.20 5.52 20.98
N SER B 194 -2.43 5.02 21.94
CA SER B 194 -2.32 5.67 23.23
C SER B 194 -1.72 7.08 23.14
N ARG B 195 -1.05 7.42 22.04
CA ARG B 195 -0.53 8.77 21.94
C ARG B 195 -1.61 9.77 21.54
N ASP B 196 -2.75 9.31 21.03
CA ASP B 196 -3.75 10.18 20.43
C ASP B 196 -4.77 10.63 21.49
N ASP B 197 -5.18 11.89 21.40
CA ASP B 197 -6.01 12.53 22.43
C ASP B 197 -7.46 12.73 21.99
N TYR B 198 -7.86 12.23 20.83
CA TYR B 198 -9.15 12.55 20.25
C TYR B 198 -10.07 11.33 20.15
N THR B 199 -9.94 10.40 21.08
CA THR B 199 -10.74 9.20 21.01
C THR B 199 -12.24 9.54 21.03
N GLU B 200 -12.66 10.37 21.99
CA GLU B 200 -14.08 10.69 22.11
C GLU B 200 -14.61 11.37 20.85
N GLU B 201 -13.80 12.25 20.23
CA GLU B 201 -14.26 12.94 19.03
C GLU B 201 -14.36 11.98 17.84
N ARG B 202 -13.47 10.99 17.79
CA ARG B 202 -13.48 10.00 16.72
C ARG B 202 -14.68 9.07 16.81
N LEU B 203 -15.07 8.70 18.03
CA LEU B 203 -16.30 7.96 18.24
C LEU B 203 -17.52 8.80 17.88
N ALA B 204 -17.53 10.08 18.27
CA ALA B 204 -18.66 10.95 18.03
C ALA B 204 -18.96 11.09 16.54
N GLN B 205 -17.94 11.02 15.70
CA GLN B 205 -18.14 11.09 14.26
C GLN B 205 -19.02 9.95 13.72
N LEU B 206 -19.08 8.81 14.41
CA LEU B 206 -19.82 7.68 13.87
C LEU B 206 -21.21 7.55 14.50
N GLN B 207 -21.73 8.65 15.08
CA GLN B 207 -23.08 8.65 15.67
C GLN B 207 -24.10 9.06 14.62
N ASP B 208 -24.33 8.15 13.68
CA ASP B 208 -25.36 8.29 12.66
C ASP B 208 -25.73 6.89 12.20
N PRO B 209 -26.86 6.73 11.48
CA PRO B 209 -27.29 5.37 11.12
C PRO B 209 -26.34 4.64 10.17
N PHE B 210 -25.44 5.34 9.48
CA PHE B 210 -24.74 4.71 8.34
C PHE B 210 -23.24 4.50 8.53
N SER B 211 -22.50 5.49 9.05
CA SER B 211 -21.03 5.46 8.94
C SER B 211 -20.45 4.15 9.43
N LEU B 212 -20.90 3.70 10.59
CA LEU B 212 -20.47 2.47 11.21
C LEU B 212 -21.56 1.40 11.21
N TYR B 213 -22.82 1.79 11.46
CA TYR B 213 -23.85 0.82 11.83
C TYR B 213 -24.53 0.15 10.64
N ARG B 214 -24.05 0.36 9.40
CA ARG B 214 -24.47 -0.54 8.33
C ARG B 214 -23.78 -1.90 8.43
N CYS B 215 -22.72 -2.03 9.23
CA CYS B 215 -22.10 -3.33 9.43
C CYS B 215 -23.03 -4.25 10.23
N HIS B 216 -23.39 -5.40 9.65
CA HIS B 216 -24.18 -6.42 10.31
C HIS B 216 -23.39 -7.71 10.47
N THR B 217 -22.07 -7.61 10.58
CA THR B 217 -21.20 -8.75 10.93
C THR B 217 -21.31 -9.88 9.90
N ILE B 218 -21.36 -9.52 8.60
CA ILE B 218 -21.34 -10.52 7.54
C ILE B 218 -20.01 -11.28 7.51
N MET B 219 -18.89 -10.57 7.72
CA MET B 219 -17.53 -11.11 7.82
C MET B 219 -16.94 -11.56 6.48
N ASN B 220 -17.42 -10.99 5.37
CA ASN B 220 -16.69 -11.18 4.11
C ASN B 220 -15.34 -10.47 4.14
N CYS B 221 -15.27 -9.35 4.86
CA CYS B 221 -14.08 -8.51 4.89
C CYS B 221 -12.89 -9.26 5.45
N THR B 222 -13.04 -9.81 6.66
CA THR B 222 -11.96 -10.59 7.26
C THR B 222 -11.57 -11.79 6.39
N ARG B 223 -12.54 -12.48 5.80
CA ARG B 223 -12.21 -13.60 4.94
C ARG B 223 -11.29 -13.19 3.79
N THR B 224 -11.52 -12.01 3.22
CA THR B 224 -10.90 -11.66 1.95
C THR B 224 -9.55 -10.96 2.09
N CYS B 225 -9.19 -10.51 3.29
CA CYS B 225 -8.06 -9.58 3.45
C CYS B 225 -6.74 -10.23 3.07
N PRO B 226 -6.04 -9.71 2.07
CA PRO B 226 -4.77 -10.34 1.67
C PRO B 226 -3.69 -10.23 2.73
N LYS B 227 -3.89 -9.41 3.76
CA LYS B 227 -2.94 -9.23 4.85
C LYS B 227 -3.32 -10.02 6.09
N GLY B 228 -4.40 -10.79 6.03
CA GLY B 228 -4.78 -11.58 7.19
C GLY B 228 -5.27 -10.75 8.35
N LEU B 229 -5.78 -9.54 8.10
CA LEU B 229 -6.26 -8.69 9.18
C LEU B 229 -7.74 -9.01 9.46
N ASN B 230 -8.27 -8.41 10.52
CA ASN B 230 -9.63 -8.70 10.98
C ASN B 230 -10.42 -7.39 11.13
N PRO B 231 -10.82 -6.78 10.01
CA PRO B 231 -11.59 -5.55 10.13
C PRO B 231 -12.95 -5.76 10.78
N GLY B 232 -13.55 -6.95 10.62
CA GLY B 232 -14.77 -7.26 11.34
C GLY B 232 -14.60 -7.16 12.85
N LYS B 233 -13.52 -7.73 13.38
CA LYS B 233 -13.30 -7.63 14.82
C LYS B 233 -13.09 -6.19 15.25
N ALA B 234 -12.34 -5.41 14.45
CA ALA B 234 -12.09 -4.03 14.83
C ALA B 234 -13.40 -3.25 14.87
N ILE B 235 -14.31 -3.53 13.94
CA ILE B 235 -15.61 -2.87 13.93
C ILE B 235 -16.39 -3.18 15.20
N ALA B 236 -16.27 -4.41 15.70
CA ALA B 236 -17.04 -4.80 16.87
C ALA B 236 -16.49 -4.16 18.13
N GLU B 237 -15.19 -3.89 18.15
CA GLU B 237 -14.61 -3.17 19.26
C GLU B 237 -15.05 -1.71 19.24
N ILE B 238 -15.09 -1.11 18.05
CA ILE B 238 -15.66 0.23 17.93
C ILE B 238 -17.07 0.26 18.51
N LYS B 239 -17.93 -0.66 18.05
CA LYS B 239 -19.30 -0.70 18.52
C LYS B 239 -19.36 -0.75 20.03
N LYS B 240 -18.50 -1.57 20.65
CA LYS B 240 -18.43 -1.61 22.11
C LYS B 240 -18.00 -0.26 22.68
N MET B 241 -17.00 0.39 22.05
CA MET B 241 -16.58 1.70 22.56
C MET B 241 -17.68 2.74 22.42
N MET B 242 -18.36 2.73 21.26
CA MET B 242 -19.50 3.61 21.04
C MET B 242 -20.52 3.53 22.18
N ALA B 243 -20.80 2.33 22.65
CA ALA B 243 -21.84 2.14 23.65
C ALA B 243 -21.37 2.45 25.07
N THR B 244 -20.07 2.61 25.31
CA THR B 244 -19.57 2.79 26.67
C THR B 244 -18.88 4.12 26.93
N TYR B 245 -18.64 4.95 25.92
CA TYR B 245 -17.90 6.20 26.13
C TYR B 245 -18.83 7.31 26.63
N LYS B 246 -18.30 8.17 27.50
CA LYS B 246 -19.01 9.32 28.06
C LYS B 246 -18.44 10.61 27.48
N GLU B 247 -18.99 11.74 27.92
CA GLU B 247 -18.59 13.03 27.37
C GLU B 247 -18.15 14.00 28.48
N ALA C 2 -6.51 20.20 -1.41
CA ALA C 2 -7.18 21.49 -1.35
C ALA C 2 -8.67 21.27 -1.48
N THR C 3 -9.09 20.01 -1.47
CA THR C 3 -10.49 19.63 -1.42
C THR C 3 -10.75 18.82 -0.15
N THR C 4 -11.84 19.13 0.53
CA THR C 4 -12.24 18.36 1.70
C THR C 4 -12.81 17.00 1.29
N ALA C 5 -12.91 16.11 2.28
CA ALA C 5 -13.47 14.79 2.03
C ALA C 5 -14.90 14.88 1.48
N LYS C 6 -15.73 15.76 2.04
CA LYS C 6 -17.12 15.87 1.57
C LYS C 6 -17.16 16.30 0.10
N GLU C 7 -16.33 17.26 -0.28
CA GLU C 7 -16.29 17.68 -1.68
C GLU C 7 -15.79 16.55 -2.58
N GLU C 8 -14.82 15.77 -2.11
CA GLU C 8 -14.33 14.66 -2.93
C GLU C 8 -15.45 13.63 -3.15
N MET C 9 -16.22 13.32 -2.11
CA MET C 9 -17.31 12.36 -2.27
C MET C 9 -18.39 12.92 -3.19
N ALA C 10 -18.73 14.20 -3.03
CA ALA C 10 -19.69 14.82 -3.93
C ALA C 10 -19.23 14.72 -5.37
N ARG C 11 -17.96 15.07 -5.63
CA ARG C 11 -17.49 15.07 -7.02
C ARG C 11 -17.46 13.66 -7.59
N PHE C 12 -17.08 12.68 -6.79
CA PHE C 12 -17.14 11.28 -7.20
C PHE C 12 -18.52 10.92 -7.75
N TRP C 13 -19.56 11.16 -6.95
CA TRP C 13 -20.91 10.79 -7.37
C TRP C 13 -21.35 11.64 -8.56
N GLU C 14 -21.03 12.92 -8.54
CA GLU C 14 -21.34 13.82 -9.63
C GLU C 14 -20.69 13.33 -10.92
N ASN C 16 -19.27 10.25 -11.66
CA ASN C 16 -19.56 8.90 -12.14
C ASN C 16 -21.01 8.67 -12.57
N THR C 17 -22.00 9.19 -11.84
CA THR C 17 -23.39 8.91 -12.21
C THR C 17 -23.74 9.47 -13.58
N LYS C 18 -23.12 10.57 -13.99
CA LYS C 18 -23.37 11.12 -15.31
C LYS C 18 -22.39 10.58 -16.36
N SER C 19 -21.48 9.69 -15.98
CA SER C 19 -20.53 9.10 -16.91
C SER C 19 -21.13 7.90 -17.64
N SER C 20 -20.41 7.42 -18.65
CA SER C 20 -20.77 6.18 -19.30
C SER C 20 -20.08 4.95 -18.67
N ARG C 21 -19.47 5.11 -17.50
CA ARG C 21 -18.75 4.01 -16.88
C ARG C 21 -19.72 2.96 -16.35
N PRO C 22 -19.39 1.67 -16.48
CA PRO C 22 -20.23 0.62 -15.91
C PRO C 22 -19.93 0.35 -14.44
N LEU C 23 -20.92 -0.22 -13.77
CA LEU C 23 -20.73 -0.75 -12.42
C LEU C 23 -20.23 -2.19 -12.53
N SER C 24 -19.07 -2.47 -11.95
CA SER C 24 -18.52 -3.81 -11.98
C SER C 24 -19.47 -4.77 -11.25
N PRO C 25 -19.55 -6.02 -11.69
CA PRO C 25 -20.48 -6.98 -11.06
C PRO C 25 -20.07 -7.34 -9.64
N HIS C 26 -21.04 -7.80 -8.88
CA HIS C 26 -20.87 -8.02 -7.46
C HIS C 26 -21.56 -9.32 -7.04
N ILE C 27 -22.88 -9.25 -6.83
CA ILE C 27 -23.58 -10.42 -6.34
C ILE C 27 -23.57 -11.53 -7.38
N SER C 28 -23.58 -11.18 -8.68
CA SER C 28 -23.62 -12.22 -9.71
C SER C 28 -22.28 -12.96 -9.85
N ILE C 29 -21.19 -12.40 -9.36
CA ILE C 29 -19.88 -12.99 -9.59
C ILE C 29 -19.15 -13.37 -8.30
N TYR C 30 -19.62 -12.98 -7.12
CA TYR C 30 -18.83 -13.17 -5.92
C TYR C 30 -19.00 -14.59 -5.37
N LYS C 31 -17.90 -15.15 -4.89
CA LYS C 31 -17.91 -16.51 -4.38
C LYS C 31 -18.61 -16.56 -3.02
N TRP C 32 -19.49 -17.54 -2.83
CA TRP C 32 -20.19 -17.68 -1.56
C TRP C 32 -19.36 -18.44 -0.53
N SER C 33 -19.66 -18.20 0.74
CA SER C 33 -19.15 -19.02 1.83
C SER C 33 -20.32 -19.39 2.74
N LEU C 34 -20.05 -20.27 3.70
CA LEU C 34 -21.12 -20.65 4.63
C LEU C 34 -21.50 -19.46 5.54
N PRO C 35 -20.54 -18.73 6.11
CA PRO C 35 -20.95 -17.56 6.92
C PRO C 35 -21.78 -16.55 6.13
N MET C 36 -21.44 -16.33 4.87
CA MET C 36 -22.22 -15.41 4.05
C MET C 36 -23.63 -15.94 3.79
N ALA C 37 -23.76 -17.23 3.47
CA ALA C 37 -25.10 -17.80 3.30
C ALA C 37 -25.87 -17.75 4.62
N MET C 38 -25.20 -18.05 5.73
CA MET C 38 -25.89 -18.04 7.01
C MET C 38 -26.28 -16.64 7.44
N SER C 39 -25.48 -15.64 7.05
CA SER C 39 -25.81 -14.27 7.41
C SER C 39 -27.11 -13.82 6.75
N ILE C 40 -27.28 -14.15 5.48
CA ILE C 40 -28.48 -13.65 4.83
C ILE C 40 -29.69 -14.51 5.21
N THR C 41 -29.50 -15.79 5.50
CA THR C 41 -30.58 -16.61 6.00
C THR C 41 -31.07 -16.11 7.35
N HIS C 42 -30.17 -15.52 8.15
CA HIS C 42 -30.60 -14.89 9.38
C HIS C 42 -31.55 -13.72 9.09
N ARG C 43 -31.24 -12.96 8.06
CA ARG C 43 -32.13 -11.87 7.69
C ARG C 43 -33.44 -12.38 7.12
N GLY C 44 -33.37 -13.40 6.26
CA GLY C 44 -34.57 -13.92 5.64
C GLY C 44 -35.48 -14.62 6.61
N THR C 45 -34.93 -15.29 7.62
CA THR C 45 -35.81 -15.88 8.64
C THR C 45 -36.38 -14.82 9.57
N GLY C 46 -35.59 -13.79 9.88
CA GLY C 46 -36.13 -12.68 10.66
C GLY C 46 -37.33 -12.03 9.99
N VAL C 47 -37.18 -11.71 8.71
CA VAL C 47 -38.27 -11.08 7.97
C VAL C 47 -39.47 -12.02 7.88
N ALA C 48 -39.23 -13.29 7.59
CA ALA C 48 -40.33 -14.24 7.48
C ALA C 48 -41.05 -14.40 8.81
N LEU C 49 -40.30 -14.44 9.92
CA LEU C 49 -40.92 -14.55 11.23
C LEU C 49 -41.80 -13.33 11.51
N SER C 50 -41.32 -12.15 11.13
CA SER C 50 -42.08 -10.92 11.36
C SER C 50 -43.34 -10.89 10.51
N LEU C 51 -43.23 -11.29 9.24
CA LEU C 51 -44.42 -11.35 8.41
C LEU C 51 -45.39 -12.38 8.94
N GLY C 52 -44.89 -13.48 9.50
CA GLY C 52 -45.78 -14.47 10.08
C GLY C 52 -46.47 -13.97 11.32
N VAL C 53 -45.74 -13.24 12.18
CA VAL C 53 -46.34 -12.66 13.37
C VAL C 53 -47.36 -11.60 12.97
N SER C 54 -47.06 -10.82 11.94
CA SER C 54 -47.99 -9.79 11.49
C SER C 54 -49.24 -10.40 10.85
N LEU C 55 -49.09 -11.48 10.09
CA LEU C 55 -50.28 -12.13 9.52
C LEU C 55 -51.13 -12.76 10.60
N PHE C 56 -50.50 -13.38 11.58
CA PHE C 56 -51.26 -13.89 12.71
C PHE C 56 -52.03 -12.78 13.39
N SER C 57 -51.40 -11.62 13.53
CA SER C 57 -52.04 -10.51 14.21
C SER C 57 -53.23 -9.98 13.42
N LEU C 58 -53.10 -9.94 12.09
CA LEU C 58 -54.22 -9.54 11.25
C LEU C 58 -55.37 -10.54 11.37
N ALA C 59 -55.05 -11.84 11.37
CA ALA C 59 -56.09 -12.86 11.48
C ALA C 59 -56.87 -12.74 12.78
N ALA C 60 -56.21 -12.32 13.87
CA ALA C 60 -56.92 -12.14 15.13
C ALA C 60 -57.90 -10.97 15.06
N LEU C 61 -57.60 -9.95 14.28
CA LEU C 61 -58.48 -8.80 14.14
C LEU C 61 -59.58 -9.00 13.11
N LEU C 62 -59.40 -9.91 12.16
CA LEU C 62 -60.26 -9.95 10.98
C LEU C 62 -61.02 -11.26 10.77
N LEU C 63 -60.61 -12.36 11.41
CA LEU C 63 -61.32 -13.60 11.09
C LEU C 63 -62.55 -13.78 11.96
N PRO C 64 -63.66 -14.28 11.39
CA PRO C 64 -64.92 -14.35 12.16
C PRO C 64 -64.95 -15.46 13.20
N GLU C 65 -63.97 -16.33 13.24
CA GLU C 65 -63.94 -17.37 14.26
C GLU C 65 -62.66 -17.22 15.07
N GLN C 66 -62.65 -17.84 16.25
CA GLN C 66 -61.51 -17.76 17.14
C GLN C 66 -60.64 -19.00 17.01
N PHE C 67 -59.51 -18.96 17.71
CA PHE C 67 -58.47 -19.95 17.52
C PHE C 67 -58.91 -21.38 17.80
N PRO C 68 -59.65 -21.68 18.88
CA PRO C 68 -60.04 -23.09 19.11
C PRO C 68 -60.87 -23.68 18.00
N HIS C 69 -61.60 -22.86 17.26
CA HIS C 69 -62.39 -23.37 16.14
C HIS C 69 -61.47 -23.87 15.04
N TYR C 70 -60.44 -23.09 14.71
CA TYR C 70 -59.51 -23.48 13.65
C TYR C 70 -58.65 -24.67 14.06
N VAL C 71 -58.29 -24.78 15.34
CA VAL C 71 -57.63 -25.99 15.82
C VAL C 71 -58.55 -27.19 15.68
N ALA C 72 -59.82 -27.04 16.07
CA ALA C 72 -60.76 -28.15 15.96
C ALA C 72 -60.95 -28.56 14.51
N VAL C 73 -61.08 -27.58 13.61
CA VAL C 73 -61.21 -27.86 12.18
C VAL C 73 -60.04 -28.70 11.69
N VAL C 74 -58.81 -28.27 11.97
CA VAL C 74 -57.63 -28.98 11.48
C VAL C 74 -57.61 -30.43 11.96
N LYS C 75 -58.00 -30.66 13.22
CA LYS C 75 -58.00 -32.03 13.71
C LYS C 75 -59.01 -32.88 12.96
N SER C 76 -60.12 -32.28 12.50
CA SER C 76 -61.18 -33.01 11.81
C SER C 76 -60.75 -33.55 10.46
N LEU C 77 -59.61 -33.12 9.94
CA LEU C 77 -59.12 -33.61 8.66
C LEU C 77 -58.28 -34.87 8.81
N SER C 78 -58.06 -35.33 10.04
CA SER C 78 -57.26 -36.52 10.35
C SER C 78 -56.02 -36.61 9.47
N LEU C 79 -55.20 -35.57 9.54
CA LEU C 79 -53.99 -35.55 8.75
C LEU C 79 -53.02 -36.61 9.26
N SER C 80 -52.14 -37.05 8.37
CA SER C 80 -51.21 -38.10 8.71
C SER C 80 -50.18 -37.58 9.71
N PRO C 81 -49.70 -38.45 10.60
CA PRO C 81 -48.69 -38.01 11.59
C PRO C 81 -47.40 -37.51 10.96
N ALA C 82 -46.96 -38.12 9.86
CA ALA C 82 -45.75 -37.66 9.19
C ALA C 82 -45.97 -36.32 8.51
N LEU C 83 -47.21 -36.03 8.12
CA LEU C 83 -47.51 -34.73 7.52
C LEU C 83 -47.70 -33.65 8.58
N ILE C 84 -48.26 -34.02 9.74
CA ILE C 84 -48.29 -33.11 10.88
C ILE C 84 -46.86 -32.80 11.33
N TYR C 85 -46.03 -33.83 11.47
CA TYR C 85 -44.65 -33.63 11.88
C TYR C 85 -43.93 -32.70 10.92
N SER C 86 -44.20 -32.82 9.62
CA SER C 86 -43.51 -31.99 8.63
C SER C 86 -43.94 -30.53 8.74
N ALA C 87 -45.22 -30.28 9.04
CA ALA C 87 -45.66 -28.90 9.21
C ALA C 87 -45.08 -28.29 10.48
N LYS C 88 -45.07 -29.05 11.58
CA LYS C 88 -44.44 -28.57 12.81
C LYS C 88 -42.97 -28.25 12.59
N PHE C 89 -42.24 -29.16 11.94
CA PHE C 89 -40.84 -28.93 11.66
C PHE C 89 -40.66 -27.69 10.78
N ALA C 90 -41.52 -27.54 9.77
CA ALA C 90 -41.42 -26.37 8.91
C ALA C 90 -41.68 -25.10 9.68
N LEU C 91 -42.61 -25.14 10.64
CA LEU C 91 -42.91 -23.94 11.40
C LEU C 91 -41.76 -23.58 12.32
N VAL C 92 -41.18 -24.56 13.02
CA VAL C 92 -40.22 -24.25 14.06
C VAL C 92 -38.81 -24.06 13.51
N PHE C 93 -38.53 -24.52 12.29
CA PHE C 93 -37.18 -24.39 11.77
C PHE C 93 -36.71 -22.95 11.68
N PRO C 94 -37.45 -22.01 11.07
CA PRO C 94 -36.92 -20.64 10.98
C PRO C 94 -36.78 -19.98 12.33
N LEU C 95 -37.74 -20.18 13.23
CA LEU C 95 -37.58 -19.67 14.59
C LEU C 95 -36.32 -20.23 15.21
N SER C 96 -36.11 -21.54 15.05
CA SER C 96 -34.94 -22.21 15.62
C SER C 96 -33.65 -21.65 15.04
N TYR C 97 -33.52 -21.68 13.72
CA TYR C 97 -32.36 -21.09 13.06
C TYR C 97 -32.08 -19.69 13.59
N HIS C 98 -33.10 -18.82 13.50
CA HIS C 98 -32.93 -17.42 13.85
C HIS C 98 -32.53 -17.23 15.30
N THR C 99 -33.10 -18.03 16.19
CA THR C 99 -32.76 -17.93 17.61
C THR C 99 -31.31 -18.31 17.86
N TRP C 100 -30.88 -19.47 17.39
CA TRP C 100 -29.51 -19.90 17.65
C TRP C 100 -28.51 -18.93 17.02
N ASN C 101 -28.74 -18.59 15.74
CA ASN C 101 -27.86 -17.62 15.08
C ASN C 101 -27.97 -16.25 15.73
N GLY C 102 -29.15 -15.92 16.25
CA GLY C 102 -29.28 -14.69 17.01
C GLY C 102 -28.37 -14.68 18.22
N ILE C 103 -28.27 -15.82 18.89
CA ILE C 103 -27.32 -15.96 20.00
C ILE C 103 -25.89 -15.78 19.50
N ARG C 104 -25.57 -16.35 18.35
CA ARG C 104 -24.26 -16.16 17.76
C ARG C 104 -23.97 -14.69 17.52
N HIS C 105 -24.96 -13.95 16.98
CA HIS C 105 -24.80 -12.51 16.78
C HIS C 105 -24.54 -11.78 18.09
N LEU C 106 -25.22 -12.18 19.17
CA LEU C 106 -25.05 -11.45 20.41
C LEU C 106 -23.69 -11.72 21.02
N VAL C 107 -23.15 -12.92 20.80
CA VAL C 107 -21.76 -13.21 21.19
C VAL C 107 -20.80 -12.31 20.40
N TRP C 108 -21.01 -12.16 19.09
CA TRP C 108 -20.19 -11.25 18.30
C TRP C 108 -20.26 -9.83 18.85
N ASP C 109 -21.44 -9.39 19.29
CA ASP C 109 -21.55 -8.02 19.76
C ASP C 109 -20.78 -7.82 21.05
N MET C 110 -20.47 -8.90 21.76
CA MET C 110 -19.58 -8.83 22.90
C MET C 110 -18.11 -8.88 22.51
N GLY C 111 -17.80 -8.99 21.23
CA GLY C 111 -16.44 -9.02 20.73
C GLY C 111 -15.79 -10.39 20.64
N LYS C 112 -16.55 -11.47 20.75
CA LYS C 112 -16.00 -12.83 20.85
C LYS C 112 -16.30 -13.64 19.58
N GLY C 113 -15.40 -14.57 19.28
CA GLY C 113 -15.58 -15.44 18.13
C GLY C 113 -15.36 -14.82 16.77
N PHE C 114 -14.43 -13.86 16.64
CA PHE C 114 -14.20 -13.17 15.37
C PHE C 114 -13.08 -13.76 14.54
N LYS C 115 -12.24 -14.62 15.11
CA LYS C 115 -11.32 -15.38 14.30
C LYS C 115 -12.09 -16.15 13.25
N LEU C 116 -11.65 -16.08 11.98
CA LEU C 116 -12.45 -16.65 10.91
C LEU C 116 -12.74 -18.12 11.15
N SER C 117 -11.77 -18.88 11.65
CA SER C 117 -11.99 -20.29 11.92
C SER C 117 -13.07 -20.49 12.98
N GLN C 118 -13.19 -19.53 13.91
CA GLN C 118 -14.27 -19.60 14.91
C GLN C 118 -15.61 -19.20 14.33
N VAL C 119 -15.60 -18.27 13.38
CA VAL C 119 -16.83 -17.92 12.69
C VAL C 119 -17.38 -19.15 11.99
N GLU C 120 -16.50 -19.98 11.45
CA GLU C 120 -16.96 -21.20 10.79
C GLU C 120 -17.46 -22.23 11.81
N GLN C 121 -16.71 -22.42 12.91
CA GLN C 121 -17.11 -23.34 13.96
C GLN C 121 -18.50 -23.00 14.48
N SER C 122 -18.71 -21.73 14.82
CA SER C 122 -19.95 -21.31 15.45
C SER C 122 -21.12 -21.41 14.47
N GLY C 123 -20.88 -21.19 13.18
CA GLY C 123 -21.92 -21.38 12.19
C GLY C 123 -22.37 -22.83 12.12
N VAL C 124 -21.42 -23.75 11.99
CA VAL C 124 -21.76 -25.18 11.97
C VAL C 124 -22.43 -25.59 13.27
N VAL C 125 -21.93 -25.09 14.41
CA VAL C 125 -22.59 -25.38 15.69
C VAL C 125 -24.04 -24.89 15.65
N VAL C 126 -24.27 -23.70 15.09
CA VAL C 126 -25.63 -23.18 14.94
C VAL C 126 -26.47 -24.14 14.13
N LEU C 127 -25.93 -24.66 13.02
CA LEU C 127 -26.73 -25.51 12.15
C LEU C 127 -27.13 -26.80 12.85
N ILE C 128 -26.23 -27.39 13.64
CA ILE C 128 -26.59 -28.67 14.24
C ILE C 128 -27.60 -28.45 15.37
N LEU C 129 -27.49 -27.34 16.10
CA LEU C 129 -28.48 -27.06 17.14
C LEU C 129 -29.83 -26.77 16.53
N THR C 130 -29.87 -26.00 15.44
CA THR C 130 -31.12 -25.75 14.74
C THR C 130 -31.79 -27.06 14.35
N LEU C 131 -31.01 -27.98 13.80
CA LEU C 131 -31.57 -29.26 13.37
C LEU C 131 -32.08 -30.06 14.57
N LEU C 132 -31.26 -30.18 15.61
CA LEU C 132 -31.65 -30.99 16.76
C LEU C 132 -32.88 -30.41 17.45
N SER C 133 -32.88 -29.10 17.66
CA SER C 133 -33.99 -28.48 18.36
C SER C 133 -35.26 -28.55 17.55
N SER C 134 -35.16 -28.37 16.22
CA SER C 134 -36.34 -28.47 15.38
C SER C 134 -36.91 -29.88 15.38
N ALA C 135 -36.07 -30.90 15.14
CA ALA C 135 -36.54 -32.28 15.18
C ALA C 135 -37.11 -32.63 16.55
N ALA C 136 -36.47 -32.17 17.62
CA ALA C 136 -36.98 -32.48 18.95
C ALA C 136 -38.30 -31.78 19.20
N ILE C 137 -38.41 -30.50 18.84
CA ILE C 137 -39.65 -29.78 19.09
C ILE C 137 -40.78 -30.35 18.23
N ALA C 138 -40.51 -30.66 16.96
CA ALA C 138 -41.56 -31.17 16.10
C ALA C 138 -42.05 -32.55 16.53
N ALA C 139 -41.27 -33.27 17.34
CA ALA C 139 -41.71 -34.54 17.91
C ALA C 139 -42.55 -34.36 19.16
N MET C 140 -42.79 -33.13 19.59
CA MET C 140 -43.66 -32.87 20.74
C MET C 140 -45.11 -32.63 20.32
N SER D 2 -30.60 12.52 21.47
CA SER D 2 -29.28 12.70 22.07
C SER D 2 -28.18 12.76 21.03
N SER D 3 -27.03 13.32 21.41
CA SER D 3 -25.86 13.22 20.56
C SER D 3 -25.35 11.78 20.43
N LYS D 4 -25.90 10.86 21.23
CA LYS D 4 -25.54 9.44 21.17
C LYS D 4 -26.73 8.59 20.75
N ALA D 5 -27.60 9.12 19.89
CA ALA D 5 -28.82 8.39 19.53
C ALA D 5 -28.50 7.06 18.85
N ALA D 6 -27.47 7.03 18.01
CA ALA D 6 -27.19 5.82 17.24
C ALA D 6 -26.68 4.70 18.12
N SER D 7 -25.75 4.99 19.03
CA SER D 7 -25.23 3.92 19.87
C SER D 7 -26.25 3.49 20.91
N LEU D 8 -27.08 4.41 21.38
CA LEU D 8 -28.12 4.00 22.34
C LEU D 8 -29.13 3.09 21.66
N HIS D 9 -29.46 3.37 20.41
CA HIS D 9 -30.36 2.51 19.67
C HIS D 9 -29.74 1.13 19.44
N TRP D 10 -28.48 1.10 19.01
CA TRP D 10 -27.79 -0.19 18.85
C TRP D 10 -27.86 -1.00 20.13
N THR D 11 -27.64 -0.34 21.27
CA THR D 11 -27.69 -1.03 22.55
C THR D 11 -29.10 -1.49 22.88
N SER D 12 -30.11 -0.67 22.58
CA SER D 12 -31.48 -1.06 22.86
C SER D 12 -31.86 -2.29 22.05
N GLU D 13 -31.38 -2.38 20.80
CA GLU D 13 -31.71 -3.55 20.00
C GLU D 13 -31.17 -4.82 20.65
N ARG D 14 -29.91 -4.82 21.08
CA ARG D 14 -29.36 -6.04 21.66
C ARG D 14 -30.12 -6.40 22.92
N ALA D 15 -30.50 -5.39 23.71
CA ALA D 15 -31.23 -5.65 24.95
C ALA D 15 -32.58 -6.31 24.68
N VAL D 16 -33.30 -5.83 23.67
CA VAL D 16 -34.61 -6.40 23.37
C VAL D 16 -34.45 -7.79 22.77
N SER D 17 -33.41 -7.99 21.95
CA SER D 17 -33.12 -9.34 21.46
C SER D 17 -32.91 -10.29 22.64
N ALA D 18 -32.14 -9.85 23.64
CA ALA D 18 -31.87 -10.69 24.79
C ALA D 18 -33.13 -10.91 25.63
N LEU D 19 -33.95 -9.87 25.73
CA LEU D 19 -35.22 -10.00 26.43
C LEU D 19 -36.10 -11.04 25.79
N LEU D 20 -36.29 -10.91 24.48
CA LEU D 20 -37.07 -11.88 23.71
C LEU D 20 -36.53 -13.28 23.89
N LEU D 21 -35.21 -13.42 23.94
CA LEU D 21 -34.61 -14.73 24.17
C LEU D 21 -35.00 -15.29 25.53
N GLY D 22 -35.07 -14.44 26.55
CA GLY D 22 -35.50 -14.94 27.85
C GLY D 22 -36.97 -15.27 27.93
N LEU D 23 -37.79 -14.68 27.05
CA LEU D 23 -39.22 -14.95 27.08
C LEU D 23 -39.58 -16.32 26.53
N LEU D 24 -38.69 -16.94 25.73
CA LEU D 24 -39.00 -18.27 25.22
C LEU D 24 -38.99 -19.33 26.32
N PRO D 25 -37.96 -19.44 27.17
CA PRO D 25 -38.11 -20.29 28.37
C PRO D 25 -39.31 -19.89 29.20
N ALA D 26 -39.52 -18.58 29.37
CA ALA D 26 -40.65 -18.11 30.17
C ALA D 26 -41.98 -18.63 29.63
N ALA D 27 -42.13 -18.67 28.31
CA ALA D 27 -43.40 -19.11 27.74
C ALA D 27 -43.60 -20.61 27.94
N TYR D 28 -42.53 -21.39 27.86
CA TYR D 28 -42.67 -22.81 28.09
C TYR D 28 -42.90 -23.13 29.56
N LEU D 29 -42.24 -22.38 30.45
CA LEU D 29 -42.22 -22.72 31.87
C LEU D 29 -43.29 -22.00 32.67
N TYR D 30 -43.57 -20.73 32.38
CA TYR D 30 -44.62 -19.97 33.06
C TYR D 30 -45.58 -19.34 32.06
N PRO D 31 -46.22 -20.15 31.19
CA PRO D 31 -47.17 -19.56 30.24
C PRO D 31 -48.30 -18.86 30.99
N GLY D 32 -48.75 -17.74 30.44
CA GLY D 32 -49.78 -16.96 31.09
C GLY D 32 -49.84 -15.54 30.57
N PRO D 33 -50.73 -14.74 31.17
CA PRO D 33 -50.89 -13.35 30.73
C PRO D 33 -49.62 -12.50 30.78
N ALA D 34 -48.81 -12.64 31.84
CA ALA D 34 -47.59 -11.85 31.91
C ALA D 34 -46.72 -12.09 30.69
N VAL D 35 -46.40 -13.36 30.41
CA VAL D 35 -45.53 -13.68 29.26
C VAL D 35 -46.22 -13.32 27.95
N ASP D 36 -47.52 -13.61 27.83
CA ASP D 36 -48.26 -13.31 26.61
C ASP D 36 -48.12 -11.85 26.20
N TYR D 37 -48.31 -10.94 27.14
CA TYR D 37 -48.22 -9.54 26.77
C TYR D 37 -46.78 -9.09 26.60
N SER D 38 -45.85 -9.70 27.34
CA SER D 38 -44.44 -9.38 27.14
C SER D 38 -43.99 -9.80 25.75
N LEU D 39 -44.42 -10.99 25.33
CA LEU D 39 -44.13 -11.42 23.96
C LEU D 39 -44.76 -10.48 22.95
N ALA D 40 -46.00 -10.03 23.20
CA ALA D 40 -46.61 -9.05 22.31
C ALA D 40 -45.71 -7.83 22.17
N ALA D 41 -45.27 -7.28 23.30
CA ALA D 41 -44.42 -6.10 23.26
C ALA D 41 -43.06 -6.40 22.64
N ALA D 42 -42.41 -7.47 23.09
CA ALA D 42 -41.05 -7.73 22.63
C ALA D 42 -41.03 -8.13 21.16
N LEU D 43 -41.97 -8.99 20.74
CA LEU D 43 -42.03 -9.39 19.34
C LEU D 43 -42.27 -8.21 18.42
N THR D 44 -43.10 -7.25 18.83
CA THR D 44 -43.38 -6.11 17.96
C THR D 44 -42.18 -5.17 17.89
N LEU D 45 -41.57 -4.88 19.03
CA LEU D 45 -40.46 -3.95 19.04
C LEU D 45 -39.25 -4.50 18.30
N HIS D 46 -38.90 -5.77 18.53
CA HIS D 46 -37.76 -6.38 17.87
C HIS D 46 -37.98 -6.44 16.36
N GLY D 47 -39.16 -6.89 15.95
CA GLY D 47 -39.44 -6.96 14.53
C GLY D 47 -39.47 -5.59 13.87
N HIS D 48 -39.99 -4.59 14.59
CA HIS D 48 -40.04 -3.25 14.04
C HIS D 48 -38.64 -2.69 13.83
N TRP D 49 -37.80 -2.76 14.86
CA TRP D 49 -36.42 -2.29 14.72
C TRP D 49 -35.69 -3.10 13.66
N GLY D 50 -35.91 -4.41 13.64
CA GLY D 50 -35.26 -5.26 12.65
C GLY D 50 -35.67 -4.93 11.23
N LEU D 51 -36.99 -4.82 10.97
CA LEU D 51 -37.44 -4.41 9.64
C LEU D 51 -36.94 -2.98 9.31
N GLY D 52 -36.73 -2.16 10.32
CA GLY D 52 -36.15 -0.85 10.08
C GLY D 52 -34.73 -0.88 9.54
N GLN D 53 -33.94 -1.88 9.96
CA GLN D 53 -32.58 -2.04 9.45
C GLN D 53 -32.58 -2.50 8.01
N VAL D 54 -33.52 -3.37 7.66
CA VAL D 54 -33.67 -3.84 6.28
C VAL D 54 -34.06 -2.69 5.38
N ILE D 55 -34.99 -1.85 5.83
CA ILE D 55 -35.36 -0.65 5.08
C ILE D 55 -34.16 0.26 4.92
N THR D 56 -33.40 0.47 6.00
CA THR D 56 -32.25 1.38 5.92
C THR D 56 -31.22 0.85 4.92
N ASP D 57 -31.03 -0.46 4.88
CA ASP D 57 -30.08 -1.04 3.95
C ASP D 57 -30.54 -0.92 2.51
N TYR D 58 -31.81 -1.24 2.22
CA TYR D 58 -32.22 -1.51 0.85
C TYR D 58 -33.07 -0.43 0.19
N VAL D 59 -33.70 0.47 0.96
CA VAL D 59 -34.51 1.53 0.38
C VAL D 59 -33.70 2.82 0.34
N HIS D 60 -33.63 3.45 -0.84
CA HIS D 60 -32.87 4.70 -1.00
C HIS D 60 -33.70 5.75 -1.70
N GLY D 61 -33.43 7.01 -1.36
CA GLY D 61 -34.21 8.13 -1.84
C GLY D 61 -35.13 8.64 -0.73
N ASP D 62 -35.17 9.97 -0.54
CA ASP D 62 -35.89 10.55 0.60
C ASP D 62 -37.34 10.08 0.66
N THR D 63 -38.02 10.06 -0.46
CA THR D 63 -39.44 9.76 -0.47
C THR D 63 -39.68 8.26 -0.28
N PRO D 64 -39.04 7.38 -1.06
CA PRO D 64 -39.22 5.95 -0.78
C PRO D 64 -38.81 5.57 0.63
N ILE D 65 -37.80 6.22 1.20
CA ILE D 65 -37.43 5.95 2.59
C ILE D 65 -38.58 6.32 3.52
N LYS D 66 -39.14 7.52 3.33
CA LYS D 66 -40.22 7.98 4.21
C LYS D 66 -41.44 7.08 4.08
N VAL D 67 -41.74 6.64 2.86
CA VAL D 67 -42.89 5.77 2.60
C VAL D 67 -42.72 4.42 3.27
N ALA D 68 -41.54 3.82 3.13
CA ALA D 68 -41.31 2.51 3.73
C ALA D 68 -41.43 2.58 5.24
N ASN D 69 -40.86 3.61 5.84
CA ASN D 69 -40.89 3.72 7.29
C ASN D 69 -42.30 4.00 7.79
N THR D 70 -43.07 4.80 7.06
CA THR D 70 -44.44 5.05 7.46
C THR D 70 -45.26 3.76 7.40
N GLY D 71 -45.11 2.99 6.33
CA GLY D 71 -45.82 1.72 6.25
C GLY D 71 -45.37 0.75 7.32
N LEU D 72 -44.11 0.85 7.74
CA LEU D 72 -43.61 -0.02 8.79
C LEU D 72 -44.24 0.32 10.14
N TYR D 73 -44.39 1.61 10.43
CA TYR D 73 -45.08 2.04 11.65
C TYR D 73 -46.50 1.49 11.69
N VAL D 74 -47.23 1.62 10.59
CA VAL D 74 -48.59 1.09 10.51
C VAL D 74 -48.58 -0.41 10.75
N LEU D 75 -47.69 -1.12 10.06
CA LEU D 75 -47.61 -2.57 10.23
C LEU D 75 -47.32 -2.95 11.67
N SER D 76 -46.37 -2.25 12.32
CA SER D 76 -46.03 -2.57 13.70
C SER D 76 -47.17 -2.22 14.66
N ALA D 77 -47.80 -1.06 14.47
CA ALA D 77 -48.87 -0.67 15.37
C ALA D 77 -50.05 -1.62 15.25
N ILE D 78 -50.36 -2.05 14.04
CA ILE D 78 -51.43 -3.01 13.85
C ILE D 78 -51.03 -4.37 14.40
N THR D 79 -49.77 -4.76 14.23
CA THR D 79 -49.32 -6.06 14.75
C THR D 79 -49.43 -6.11 16.28
N PHE D 80 -48.91 -5.09 16.96
CA PHE D 80 -49.02 -5.05 18.42
C PHE D 80 -50.48 -5.04 18.87
N THR D 81 -51.33 -4.28 18.18
CA THR D 81 -52.75 -4.22 18.55
C THR D 81 -53.41 -5.58 18.43
N GLY D 82 -53.13 -6.28 17.34
CA GLY D 82 -53.76 -7.58 17.14
C GLY D 82 -53.27 -8.63 18.11
N LEU D 83 -51.98 -8.58 18.47
CA LEU D 83 -51.47 -9.53 19.45
C LEU D 83 -52.06 -9.27 20.83
N CYS D 84 -52.24 -7.99 21.20
CA CYS D 84 -52.93 -7.69 22.44
C CYS D 84 -54.41 -8.07 22.35
N TYR D 85 -55.01 -7.83 21.19
CA TYR D 85 -56.37 -8.30 20.96
C TYR D 85 -56.47 -9.81 21.19
N PHE D 86 -55.59 -10.57 20.54
CA PHE D 86 -55.61 -12.01 20.71
C PHE D 86 -55.44 -12.42 22.16
N ASN D 87 -54.54 -11.74 22.86
CA ASN D 87 -54.29 -12.07 24.27
C ASN D 87 -55.49 -11.76 25.15
N TYR D 88 -56.27 -10.74 24.79
CA TYR D 88 -57.38 -10.38 25.65
C TYR D 88 -58.65 -11.16 25.33
N TYR D 89 -58.99 -11.30 24.04
CA TYR D 89 -60.27 -11.85 23.63
C TYR D 89 -60.20 -13.33 23.26
N ASP D 90 -59.00 -13.84 23.04
CA ASP D 90 -58.83 -15.22 22.62
C ASP D 90 -57.92 -15.90 23.64
N VAL D 91 -57.37 -17.07 23.29
CA VAL D 91 -56.62 -17.87 24.28
C VAL D 91 -55.24 -17.33 24.60
N GLY D 92 -54.71 -16.39 23.82
CA GLY D 92 -53.40 -15.85 24.09
C GLY D 92 -52.27 -16.71 23.52
N ILE D 93 -51.10 -16.09 23.40
CA ILE D 93 -50.02 -16.64 22.58
C ILE D 93 -49.60 -18.01 23.09
N CYS D 94 -49.36 -18.13 24.40
CA CYS D 94 -48.81 -19.38 24.92
C CYS D 94 -49.79 -20.53 24.74
N LYS D 95 -51.07 -20.28 25.06
CA LYS D 95 -52.08 -21.33 24.93
C LYS D 95 -52.29 -21.70 23.47
N ALA D 96 -52.28 -20.70 22.58
CA ALA D 96 -52.49 -20.99 21.16
C ALA D 96 -51.40 -21.89 20.62
N VAL D 97 -50.15 -21.65 21.01
CA VAL D 97 -49.04 -22.50 20.55
C VAL D 97 -49.24 -23.92 21.04
N ALA D 98 -49.53 -24.08 22.33
CA ALA D 98 -49.78 -25.43 22.87
C ALA D 98 -50.92 -26.09 22.13
N MET D 99 -52.00 -25.36 21.88
CA MET D 99 -53.13 -25.92 21.15
C MET D 99 -52.71 -26.32 19.73
N LEU D 100 -51.94 -25.46 19.08
CA LEU D 100 -51.42 -25.81 17.76
C LEU D 100 -50.62 -27.10 17.83
N TRP D 101 -49.80 -27.24 18.87
CA TRP D 101 -48.91 -28.38 18.97
C TRP D 101 -49.61 -29.65 19.44
N SER D 102 -50.87 -29.56 19.86
CA SER D 102 -51.64 -30.75 20.17
C SER D 102 -52.33 -31.34 18.96
N ILE D 103 -52.26 -30.67 17.81
CA ILE D 103 -52.79 -31.22 16.58
C ILE D 103 -51.99 -32.47 16.19
#